data_1ISZ
#
_entry.id   1ISZ
#
_cell.length_a   79.620
_cell.length_b   95.140
_cell.length_c   141.780
_cell.angle_alpha   90.00
_cell.angle_beta   90.00
_cell.angle_gamma   90.00
#
_symmetry.space_group_name_H-M   'P 21 21 21'
#
loop_
_entity.id
_entity.type
_entity.pdbx_description
1 polymer endo-1,4-beta-D-xylanase
2 non-polymer beta-D-galactopyranose
3 water water
#
_entity_poly.entity_id   1
_entity_poly.type   'polypeptide(L)'
_entity_poly.pdbx_seq_one_letter_code
;AESTLGAAAAQSGRYFGTAIASGKLGDSAYTTIASREFNMVTAENEMKIDATEPQRGQFNFSAGDRVYNWAVQNGKQVRG
HTLAWHSQQPGWMQSLSGSTLRQAMIDHINGVMGHYKGKIAQWDVVNEAFSDDGSGGRRDSNLQRTGNDWIEVAFRTARA
ADPAAKLCYNDYNIENWTWAKTQGVYNMVRDFKQRGVPIDCVGFQSHFNSGSPYNSNFRTTLQNFAALGVDVAITELDIQ
GASSSTYAAVTNDCLAVSRCLGITVWGVRDTDSWRSGDTPLLFNGDGSKKAAYTAVLNALNGGSSTPPPSGGGQIKGVGS
GRCLDVPNASTTDGTQVQLYDCHSATNQQWTYTDAGELRVYGDKCLDAAGTGNGTKVQIYSCWGGDNQKWRLNSDGSIVG
VQSGLCLDAVGGGTANGTLIQLYSCSNGSNQRWTRT
;
_entity_poly.pdbx_strand_id   A,B
#
loop_
_chem_comp.id
_chem_comp.type
_chem_comp.name
_chem_comp.formula
GAL D-saccharide, beta linking beta-D-galactopyranose 'C6 H12 O6'
#
# COMPACT_ATOMS: atom_id res chain seq x y z
N ALA A 1 -11.97 -31.69 6.34
CA ALA A 1 -11.48 -30.68 7.32
C ALA A 1 -12.13 -29.32 7.08
N GLU A 2 -11.59 -28.29 7.71
CA GLU A 2 -12.13 -26.95 7.58
C GLU A 2 -11.14 -25.87 8.01
N SER A 3 -9.85 -26.21 8.05
CA SER A 3 -8.81 -25.26 8.43
C SER A 3 -8.07 -24.69 7.22
N THR A 4 -8.29 -25.29 6.05
CA THR A 4 -7.65 -24.84 4.82
C THR A 4 -8.73 -24.63 3.75
N LEU A 5 -8.44 -23.78 2.78
CA LEU A 5 -9.39 -23.48 1.72
C LEU A 5 -9.82 -24.73 0.94
N GLY A 6 -8.84 -25.52 0.49
CA GLY A 6 -9.14 -26.72 -0.27
C GLY A 6 -10.03 -27.69 0.48
N ALA A 7 -9.67 -27.97 1.73
CA ALA A 7 -10.45 -28.89 2.56
C ALA A 7 -11.85 -28.37 2.84
N ALA A 8 -11.97 -27.07 3.07
CA ALA A 8 -13.27 -26.46 3.34
C ALA A 8 -14.15 -26.54 2.10
N ALA A 9 -13.55 -26.37 0.93
CA ALA A 9 -14.31 -26.43 -0.31
C ALA A 9 -14.75 -27.86 -0.59
N ALA A 10 -13.88 -28.81 -0.24
CA ALA A 10 -14.17 -30.23 -0.48
C ALA A 10 -15.38 -30.71 0.31
N GLN A 11 -15.71 -30.01 1.39
CA GLN A 11 -16.86 -30.37 2.22
C GLN A 11 -18.14 -30.36 1.40
N SER A 12 -18.22 -29.48 0.42
CA SER A 12 -19.41 -29.38 -0.42
C SER A 12 -19.15 -29.99 -1.79
N GLY A 13 -18.08 -30.78 -1.89
CA GLY A 13 -17.75 -31.43 -3.14
C GLY A 13 -17.05 -30.53 -4.14
N ARG A 14 -16.63 -29.35 -3.70
CA ARG A 14 -15.96 -28.40 -4.59
C ARG A 14 -14.46 -28.36 -4.35
N TYR A 15 -13.76 -27.55 -5.13
CA TYR A 15 -12.31 -27.42 -4.97
C TYR A 15 -11.96 -25.95 -4.86
N PHE A 16 -10.76 -25.69 -4.35
CA PHE A 16 -10.26 -24.32 -4.26
C PHE A 16 -8.82 -24.44 -4.76
N GLY A 17 -8.54 -23.81 -5.89
CA GLY A 17 -7.21 -23.91 -6.46
C GLY A 17 -6.48 -22.61 -6.71
N THR A 18 -5.31 -22.71 -7.34
CA THR A 18 -4.52 -21.53 -7.62
C THR A 18 -3.72 -21.73 -8.90
N ALA A 19 -3.09 -20.65 -9.37
CA ALA A 19 -2.27 -20.73 -10.56
C ALA A 19 -0.86 -20.94 -10.02
N ILE A 20 -0.15 -21.92 -10.56
CA ILE A 20 1.20 -22.22 -10.12
C ILE A 20 2.22 -21.88 -11.21
N ALA A 21 3.32 -21.24 -10.81
CA ALA A 21 4.38 -20.89 -11.74
C ALA A 21 5.56 -21.79 -11.42
N SER A 22 6.01 -22.56 -12.40
CA SER A 22 7.12 -23.49 -12.17
C SER A 22 8.37 -22.80 -11.64
N GLY A 23 8.57 -21.55 -12.02
CA GLY A 23 9.74 -20.82 -11.57
C GLY A 23 9.80 -20.60 -10.07
N LYS A 24 8.66 -20.72 -9.40
CA LYS A 24 8.62 -20.51 -7.96
C LYS A 24 8.57 -21.79 -7.12
N LEU A 25 8.59 -22.95 -7.78
CA LEU A 25 8.54 -24.21 -7.04
C LEU A 25 9.78 -24.43 -6.21
N GLY A 26 10.77 -23.56 -6.39
CA GLY A 26 12.01 -23.65 -5.62
C GLY A 26 11.94 -22.81 -4.36
N ASP A 27 10.95 -21.93 -4.29
CA ASP A 27 10.75 -21.07 -3.13
C ASP A 27 9.93 -21.85 -2.10
N SER A 28 10.56 -22.25 -0.99
CA SER A 28 9.86 -23.03 0.03
C SER A 28 8.66 -22.32 0.65
N ALA A 29 8.72 -20.99 0.74
CA ALA A 29 7.62 -20.23 1.31
C ALA A 29 6.40 -20.34 0.39
N TYR A 30 6.68 -20.33 -0.91
CA TYR A 30 5.65 -20.42 -1.94
C TYR A 30 4.98 -21.80 -1.90
N THR A 31 5.78 -22.86 -1.96
CA THR A 31 5.26 -24.22 -1.96
C THR A 31 4.57 -24.62 -0.66
N THR A 32 5.05 -24.12 0.46
CA THR A 32 4.45 -24.44 1.75
C THR A 32 2.97 -24.02 1.77
N ILE A 33 2.69 -22.81 1.29
CA ILE A 33 1.33 -22.31 1.25
C ILE A 33 0.51 -23.04 0.18
N ALA A 34 1.08 -23.15 -1.01
CA ALA A 34 0.40 -23.80 -2.13
C ALA A 34 0.01 -25.26 -1.92
N SER A 35 0.91 -26.06 -1.35
CA SER A 35 0.59 -27.46 -1.13
C SER A 35 -0.44 -27.64 -0.03
N ARG A 36 -0.43 -26.73 0.94
CA ARG A 36 -1.35 -26.78 2.07
C ARG A 36 -2.77 -26.28 1.82
N GLU A 37 -2.90 -25.13 1.17
CA GLU A 37 -4.20 -24.51 0.98
C GLU A 37 -5.06 -24.88 -0.23
N PHE A 38 -4.45 -25.42 -1.27
CA PHE A 38 -5.19 -25.72 -2.49
C PHE A 38 -5.23 -27.19 -2.94
N ASN A 39 -6.32 -27.60 -3.58
CA ASN A 39 -6.44 -28.96 -4.08
C ASN A 39 -6.73 -28.97 -5.59
N MET A 40 -6.41 -27.86 -6.26
CA MET A 40 -6.58 -27.73 -7.70
C MET A 40 -5.47 -26.80 -8.19
N VAL A 41 -4.88 -27.15 -9.32
CA VAL A 41 -3.79 -26.36 -9.88
C VAL A 41 -3.92 -26.04 -11.37
N THR A 42 -3.57 -24.81 -11.73
CA THR A 42 -3.57 -24.37 -13.12
C THR A 42 -2.16 -23.87 -13.38
N ALA A 43 -1.54 -24.30 -14.48
CA ALA A 43 -0.20 -23.82 -14.82
C ALA A 43 -0.41 -22.39 -15.29
N GLU A 44 0.29 -21.45 -14.68
CA GLU A 44 0.14 -20.05 -15.07
C GLU A 44 0.53 -19.76 -16.51
N ASN A 45 1.62 -20.37 -16.98
CA ASN A 45 2.08 -20.15 -18.36
C ASN A 45 2.59 -21.41 -19.08
N GLU A 46 3.07 -22.37 -18.31
CA GLU A 46 3.67 -23.59 -18.84
C GLU A 46 2.91 -24.46 -19.83
N MET A 47 1.58 -24.35 -19.89
CA MET A 47 0.82 -25.17 -20.82
C MET A 47 0.23 -24.39 -21.99
N LYS A 48 0.68 -23.15 -22.15
CA LYS A 48 0.20 -22.32 -23.24
C LYS A 48 0.81 -22.80 -24.56
N ILE A 49 0.32 -22.24 -25.67
CA ILE A 49 0.79 -22.65 -26.99
C ILE A 49 2.28 -22.43 -27.23
N ASP A 50 2.77 -21.23 -26.91
CA ASP A 50 4.18 -20.91 -27.11
C ASP A 50 5.10 -21.74 -26.22
N ALA A 51 4.58 -22.19 -25.09
CA ALA A 51 5.38 -22.98 -24.15
C ALA A 51 5.42 -24.46 -24.50
N THR A 52 4.36 -24.97 -25.12
CA THR A 52 4.29 -26.38 -25.46
C THR A 52 4.69 -26.73 -26.90
N GLU A 53 4.68 -25.75 -27.79
CA GLU A 53 5.07 -26.00 -29.18
C GLU A 53 5.88 -24.83 -29.73
N PRO A 54 7.12 -24.64 -29.22
CA PRO A 54 8.01 -23.56 -29.64
C PRO A 54 8.15 -23.51 -31.16
N GLN A 55 8.34 -24.69 -31.75
CA GLN A 55 8.48 -24.83 -33.18
C GLN A 55 7.40 -25.79 -33.66
N ARG A 56 6.79 -25.48 -34.81
CA ARG A 56 5.72 -26.33 -35.33
C ARG A 56 6.14 -27.80 -35.36
N GLY A 57 5.30 -28.65 -34.78
CA GLY A 57 5.58 -30.07 -34.76
C GLY A 57 6.50 -30.51 -33.63
N GLN A 58 7.28 -29.58 -33.10
CA GLN A 58 8.20 -29.89 -32.02
C GLN A 58 7.59 -29.52 -30.67
N PHE A 59 7.14 -30.52 -29.93
CA PHE A 59 6.52 -30.31 -28.64
C PHE A 59 7.50 -30.37 -27.47
N ASN A 60 7.29 -29.48 -26.50
CA ASN A 60 8.12 -29.43 -25.31
C ASN A 60 7.20 -29.36 -24.09
N PHE A 61 7.26 -30.38 -23.24
CA PHE A 61 6.41 -30.44 -22.06
C PHE A 61 7.20 -30.39 -20.78
N SER A 62 8.45 -29.93 -20.87
CA SER A 62 9.32 -29.86 -19.71
C SER A 62 8.73 -29.05 -18.55
N ALA A 63 8.34 -27.81 -18.82
CA ALA A 63 7.78 -26.96 -17.79
C ALA A 63 6.37 -27.40 -17.38
N GLY A 64 5.58 -27.81 -18.36
CA GLY A 64 4.22 -28.27 -18.07
C GLY A 64 4.21 -29.49 -17.15
N ASP A 65 5.00 -30.50 -17.51
CA ASP A 65 5.08 -31.71 -16.70
C ASP A 65 5.59 -31.44 -15.31
N ARG A 66 6.45 -30.43 -15.18
CA ARG A 66 6.99 -30.09 -13.87
C ARG A 66 5.85 -29.64 -12.96
N VAL A 67 4.96 -28.81 -13.49
CA VAL A 67 3.82 -28.31 -12.73
C VAL A 67 2.81 -29.44 -12.49
N TYR A 68 2.55 -30.24 -13.51
CA TYR A 68 1.60 -31.34 -13.39
C TYR A 68 2.03 -32.36 -12.32
N ASN A 69 3.31 -32.74 -12.35
CA ASN A 69 3.83 -33.71 -11.38
C ASN A 69 3.76 -33.18 -9.95
N TRP A 70 4.13 -31.92 -9.76
CA TRP A 70 4.11 -31.32 -8.43
C TRP A 70 2.67 -31.33 -7.91
N ALA A 71 1.73 -31.01 -8.80
CA ALA A 71 0.32 -30.97 -8.46
C ALA A 71 -0.19 -32.33 -7.99
N VAL A 72 -0.07 -33.34 -8.84
CA VAL A 72 -0.53 -34.68 -8.51
C VAL A 72 0.16 -35.26 -7.27
N GLN A 73 1.46 -35.06 -7.17
CA GLN A 73 2.23 -35.55 -6.01
C GLN A 73 1.78 -34.91 -4.71
N ASN A 74 1.22 -33.71 -4.78
CA ASN A 74 0.77 -33.01 -3.59
C ASN A 74 -0.74 -33.02 -3.41
N GLY A 75 -1.40 -33.95 -4.09
CA GLY A 75 -2.84 -34.12 -3.96
C GLY A 75 -3.77 -33.13 -4.63
N LYS A 76 -3.36 -32.58 -5.77
CA LYS A 76 -4.22 -31.62 -6.47
C LYS A 76 -4.53 -32.08 -7.88
N GLN A 77 -5.73 -31.75 -8.35
CA GLN A 77 -6.12 -32.06 -9.73
C GLN A 77 -5.55 -30.91 -10.55
N VAL A 78 -5.69 -30.98 -11.87
CA VAL A 78 -5.14 -29.94 -12.73
C VAL A 78 -6.10 -29.46 -13.82
N ARG A 79 -6.11 -28.16 -14.07
CA ARG A 79 -6.91 -27.57 -15.13
C ARG A 79 -5.90 -27.24 -16.21
N GLY A 80 -6.18 -27.67 -17.44
CA GLY A 80 -5.28 -27.39 -18.55
C GLY A 80 -5.56 -26.01 -19.11
N HIS A 81 -4.51 -25.22 -19.32
CA HIS A 81 -4.66 -23.85 -19.81
C HIS A 81 -3.45 -23.46 -20.68
N THR A 82 -3.65 -23.20 -21.98
CA THR A 82 -4.92 -23.26 -22.70
C THR A 82 -4.57 -23.75 -24.11
N LEU A 83 -5.52 -24.38 -24.81
CA LEU A 83 -5.27 -24.94 -26.14
C LEU A 83 -5.39 -24.07 -27.40
N ALA A 84 -6.38 -23.17 -27.43
CA ALA A 84 -6.58 -22.28 -28.58
C ALA A 84 -6.77 -20.87 -28.05
N TRP A 85 -5.90 -19.97 -28.49
CA TRP A 85 -5.94 -18.60 -28.01
C TRP A 85 -5.24 -17.68 -29.02
N HIS A 86 -5.68 -16.43 -29.07
CA HIS A 86 -5.11 -15.45 -30.00
C HIS A 86 -3.85 -14.84 -29.41
N SER A 87 -3.72 -14.93 -28.10
CA SER A 87 -2.56 -14.36 -27.43
C SER A 87 -1.48 -15.38 -27.14
N GLN A 88 -0.25 -14.89 -26.98
CA GLN A 88 0.90 -15.74 -26.69
C GLN A 88 1.09 -16.92 -27.65
N GLN A 89 0.86 -16.70 -28.94
CA GLN A 89 1.07 -17.75 -29.93
C GLN A 89 2.55 -17.70 -30.29
N PRO A 90 3.16 -18.84 -30.61
CA PRO A 90 4.58 -18.82 -30.96
C PRO A 90 4.76 -18.06 -32.28
N GLY A 91 5.98 -17.59 -32.54
CA GLY A 91 6.26 -16.86 -33.75
C GLY A 91 5.74 -17.50 -35.03
N TRP A 92 6.05 -18.79 -35.22
CA TRP A 92 5.63 -19.50 -36.42
C TRP A 92 4.12 -19.54 -36.65
N MET A 93 3.35 -19.68 -35.57
CA MET A 93 1.89 -19.74 -35.70
C MET A 93 1.30 -18.39 -36.07
N GLN A 94 1.95 -17.31 -35.66
CA GLN A 94 1.47 -15.97 -35.96
C GLN A 94 1.50 -15.69 -37.45
N SER A 95 2.40 -16.37 -38.16
CA SER A 95 2.54 -16.20 -39.61
C SER A 95 1.46 -16.93 -40.40
N LEU A 96 1.06 -18.10 -39.91
CA LEU A 96 0.06 -18.90 -40.60
C LEU A 96 -1.32 -18.27 -40.72
N SER A 97 -2.12 -18.79 -41.66
CA SER A 97 -3.47 -18.32 -41.91
C SER A 97 -4.23 -19.37 -42.70
N GLY A 98 -5.52 -19.12 -42.92
CA GLY A 98 -6.33 -20.05 -43.68
C GLY A 98 -6.27 -21.49 -43.18
N SER A 99 -6.58 -22.42 -44.07
CA SER A 99 -6.59 -23.84 -43.73
C SER A 99 -5.30 -24.30 -43.08
N THR A 100 -4.19 -23.65 -43.41
CA THR A 100 -2.89 -24.01 -42.84
C THR A 100 -2.95 -23.83 -41.33
N LEU A 101 -3.46 -22.69 -40.89
CA LEU A 101 -3.57 -22.39 -39.47
C LEU A 101 -4.57 -23.34 -38.80
N ARG A 102 -5.73 -23.50 -39.42
CA ARG A 102 -6.76 -24.39 -38.88
C ARG A 102 -6.17 -25.76 -38.58
N GLN A 103 -5.35 -26.25 -39.49
CA GLN A 103 -4.73 -27.56 -39.31
C GLN A 103 -3.71 -27.50 -38.17
N ALA A 104 -2.96 -26.40 -38.12
CA ALA A 104 -1.96 -26.21 -37.06
C ALA A 104 -2.65 -26.25 -35.71
N MET A 105 -3.79 -25.57 -35.61
CA MET A 105 -4.57 -25.53 -34.37
C MET A 105 -4.93 -26.96 -33.97
N ILE A 106 -5.49 -27.70 -34.91
CA ILE A 106 -5.89 -29.10 -34.68
C ILE A 106 -4.72 -29.95 -34.20
N ASP A 107 -3.59 -29.85 -34.88
CA ASP A 107 -2.42 -30.63 -34.52
C ASP A 107 -1.94 -30.27 -33.11
N HIS A 108 -1.97 -28.99 -32.78
CA HIS A 108 -1.53 -28.54 -31.47
C HIS A 108 -2.41 -29.18 -30.39
N ILE A 109 -3.72 -29.15 -30.62
CA ILE A 109 -4.67 -29.73 -29.67
C ILE A 109 -4.42 -31.21 -29.47
N ASN A 110 -4.25 -31.94 -30.57
CA ASN A 110 -4.00 -33.37 -30.49
C ASN A 110 -2.66 -33.65 -29.81
N GLY A 111 -1.67 -32.81 -30.11
CA GLY A 111 -0.36 -32.99 -29.51
C GLY A 111 -0.38 -32.81 -28.01
N VAL A 112 -0.87 -31.66 -27.55
CA VAL A 112 -0.92 -31.36 -26.13
C VAL A 112 -1.83 -32.32 -25.36
N MET A 113 -3.07 -32.47 -25.80
CA MET A 113 -4.01 -33.36 -25.11
C MET A 113 -3.56 -34.81 -25.16
N GLY A 114 -2.85 -35.20 -26.22
CA GLY A 114 -2.38 -36.56 -26.31
C GLY A 114 -1.38 -36.84 -25.20
N HIS A 115 -0.49 -35.90 -24.96
CA HIS A 115 0.54 -36.04 -23.92
C HIS A 115 -0.06 -36.17 -22.52
N TYR A 116 -1.10 -35.37 -22.24
CA TYR A 116 -1.75 -35.37 -20.93
C TYR A 116 -3.05 -36.18 -20.91
N LYS A 117 -3.22 -37.02 -21.93
CA LYS A 117 -4.41 -37.85 -22.08
C LYS A 117 -4.86 -38.52 -20.79
N GLY A 118 -6.06 -38.18 -20.35
CA GLY A 118 -6.62 -38.76 -19.14
C GLY A 118 -6.01 -38.32 -17.83
N LYS A 119 -5.20 -37.27 -17.85
CA LYS A 119 -4.56 -36.79 -16.62
C LYS A 119 -5.05 -35.40 -16.19
N ILE A 120 -5.81 -34.75 -17.06
CA ILE A 120 -6.32 -33.41 -16.80
C ILE A 120 -7.82 -33.41 -16.49
N ALA A 121 -8.20 -32.75 -15.40
CA ALA A 121 -9.61 -32.68 -15.00
C ALA A 121 -10.43 -31.81 -15.94
N GLN A 122 -9.91 -30.62 -16.24
CA GLN A 122 -10.59 -29.68 -17.12
C GLN A 122 -9.61 -29.03 -18.09
N TRP A 123 -10.08 -28.74 -19.30
CA TRP A 123 -9.23 -28.07 -20.28
C TRP A 123 -9.91 -26.81 -20.77
N ASP A 124 -9.17 -25.70 -20.78
CA ASP A 124 -9.71 -24.47 -21.33
C ASP A 124 -9.35 -24.67 -22.81
N VAL A 125 -10.26 -25.30 -23.56
CA VAL A 125 -10.03 -25.55 -24.97
C VAL A 125 -9.82 -24.26 -25.75
N VAL A 126 -10.79 -23.35 -25.64
CA VAL A 126 -10.71 -22.05 -26.32
C VAL A 126 -10.73 -20.94 -25.27
N ASN A 127 -9.87 -19.95 -25.45
CA ASN A 127 -9.73 -18.85 -24.50
C ASN A 127 -9.94 -17.47 -25.14
N GLU A 128 -10.74 -16.63 -24.46
CA GLU A 128 -11.02 -15.26 -24.87
C GLU A 128 -11.28 -15.02 -26.37
N ALA A 129 -12.33 -15.66 -26.90
CA ALA A 129 -12.67 -15.51 -28.30
C ALA A 129 -13.63 -14.37 -28.61
N PHE A 130 -14.10 -13.69 -27.57
CA PHE A 130 -15.03 -12.59 -27.79
C PHE A 130 -14.43 -11.21 -27.57
N SER A 131 -14.98 -10.24 -28.27
CA SER A 131 -14.53 -8.85 -28.23
C SER A 131 -15.00 -8.05 -27.02
N ASP A 132 -14.27 -6.98 -26.73
CA ASP A 132 -14.59 -6.08 -25.62
C ASP A 132 -15.12 -4.76 -26.15
N ASP A 133 -15.40 -4.69 -27.45
CA ASP A 133 -15.90 -3.45 -28.04
C ASP A 133 -17.34 -3.13 -27.65
N GLY A 134 -18.06 -4.12 -27.16
CA GLY A 134 -19.44 -3.90 -26.75
C GLY A 134 -20.47 -4.46 -27.71
N SER A 135 -20.01 -5.02 -28.82
CA SER A 135 -20.91 -5.59 -29.82
C SER A 135 -21.39 -6.98 -29.39
N GLY A 136 -20.53 -7.70 -28.69
CA GLY A 136 -20.89 -9.05 -28.24
C GLY A 136 -20.54 -10.06 -29.30
N GLY A 137 -19.64 -9.70 -30.21
CA GLY A 137 -19.24 -10.60 -31.27
C GLY A 137 -17.84 -11.18 -31.11
N ARG A 138 -17.46 -12.05 -32.04
CA ARG A 138 -16.15 -12.69 -32.01
C ARG A 138 -15.02 -11.65 -32.11
N ARG A 139 -13.87 -12.02 -31.56
CA ARG A 139 -12.69 -11.17 -31.60
C ARG A 139 -12.03 -11.37 -32.95
N ASP A 140 -11.54 -10.30 -33.56
CA ASP A 140 -10.89 -10.41 -34.85
C ASP A 140 -9.44 -10.89 -34.66
N SER A 141 -9.21 -12.17 -34.93
CA SER A 141 -7.88 -12.74 -34.78
C SER A 141 -7.58 -13.65 -35.96
N ASN A 142 -6.34 -14.14 -36.03
CA ASN A 142 -5.95 -15.02 -37.11
C ASN A 142 -6.72 -16.33 -37.07
N LEU A 143 -7.20 -16.71 -35.88
CA LEU A 143 -7.97 -17.94 -35.72
C LEU A 143 -9.39 -17.74 -36.21
N GLN A 144 -9.97 -16.59 -35.84
CA GLN A 144 -11.34 -16.27 -36.23
C GLN A 144 -11.43 -16.05 -37.74
N ARG A 145 -10.36 -15.55 -38.33
CA ARG A 145 -10.32 -15.30 -39.76
C ARG A 145 -10.18 -16.59 -40.58
N THR A 146 -10.07 -17.72 -39.91
CA THR A 146 -9.95 -19.00 -40.61
C THR A 146 -11.33 -19.61 -40.79
N GLY A 147 -12.31 -19.04 -40.10
CA GLY A 147 -13.66 -19.53 -40.18
C GLY A 147 -14.35 -19.44 -38.84
N ASN A 148 -15.58 -18.91 -38.83
CA ASN A 148 -16.35 -18.74 -37.61
C ASN A 148 -16.56 -20.05 -36.84
N ASP A 149 -16.37 -21.17 -37.52
CA ASP A 149 -16.55 -22.47 -36.90
C ASP A 149 -15.29 -23.03 -36.24
N TRP A 150 -14.26 -22.22 -36.09
CA TRP A 150 -13.03 -22.71 -35.47
C TRP A 150 -13.23 -23.19 -34.04
N ILE A 151 -14.01 -22.44 -33.26
CA ILE A 151 -14.27 -22.81 -31.88
C ILE A 151 -14.92 -24.20 -31.82
N GLU A 152 -16.00 -24.37 -32.59
CA GLU A 152 -16.69 -25.65 -32.64
C GLU A 152 -15.71 -26.76 -32.99
N VAL A 153 -14.88 -26.50 -34.00
CA VAL A 153 -13.88 -27.46 -34.45
C VAL A 153 -12.91 -27.81 -33.31
N ALA A 154 -12.49 -26.81 -32.56
CA ALA A 154 -11.56 -27.03 -31.45
C ALA A 154 -12.20 -27.96 -30.42
N PHE A 155 -13.45 -27.72 -30.06
CA PHE A 155 -14.13 -28.56 -29.09
C PHE A 155 -14.36 -29.97 -29.61
N ARG A 156 -14.67 -30.09 -30.90
CA ARG A 156 -14.89 -31.41 -31.48
C ARG A 156 -13.56 -32.16 -31.48
N THR A 157 -12.49 -31.46 -31.85
CA THR A 157 -11.16 -32.08 -31.87
C THR A 157 -10.77 -32.53 -30.47
N ALA A 158 -10.92 -31.62 -29.50
CA ALA A 158 -10.58 -31.91 -28.11
C ALA A 158 -11.30 -33.14 -27.56
N ARG A 159 -12.61 -33.21 -27.78
CA ARG A 159 -13.41 -34.33 -27.29
C ARG A 159 -12.84 -35.67 -27.77
N ALA A 160 -12.46 -35.72 -29.05
CA ALA A 160 -11.90 -36.94 -29.63
C ALA A 160 -10.54 -37.30 -29.03
N ALA A 161 -9.72 -36.28 -28.81
CA ALA A 161 -8.39 -36.47 -28.24
C ALA A 161 -8.40 -37.04 -26.83
N ASP A 162 -9.31 -36.56 -25.98
CA ASP A 162 -9.39 -37.05 -24.60
C ASP A 162 -10.81 -36.89 -24.06
N PRO A 163 -11.65 -37.91 -24.26
CA PRO A 163 -13.04 -37.87 -23.78
C PRO A 163 -13.21 -37.89 -22.27
N ALA A 164 -12.10 -38.04 -21.53
CA ALA A 164 -12.18 -38.09 -20.07
C ALA A 164 -12.20 -36.70 -19.45
N ALA A 165 -11.66 -35.72 -20.15
CA ALA A 165 -11.60 -34.36 -19.63
C ALA A 165 -12.82 -33.49 -19.94
N LYS A 166 -13.13 -32.58 -19.01
CA LYS A 166 -14.24 -31.67 -19.20
C LYS A 166 -13.70 -30.53 -20.07
N LEU A 167 -14.44 -30.19 -21.13
CA LEU A 167 -13.99 -29.15 -22.03
C LEU A 167 -14.68 -27.83 -21.73
N CYS A 168 -13.88 -26.81 -21.39
CA CYS A 168 -14.44 -25.50 -21.05
C CYS A 168 -14.07 -24.38 -22.03
N TYR A 169 -14.95 -23.39 -22.08
CA TYR A 169 -14.73 -22.18 -22.85
C TYR A 169 -14.37 -21.21 -21.72
N ASN A 170 -13.30 -20.44 -21.87
CA ASN A 170 -12.86 -19.53 -20.81
C ASN A 170 -12.78 -18.09 -21.32
N ASP A 171 -13.24 -17.13 -20.50
CA ASP A 171 -13.18 -15.72 -20.89
C ASP A 171 -13.34 -14.76 -19.70
N TYR A 172 -13.05 -13.49 -19.93
CA TYR A 172 -13.18 -12.47 -18.88
C TYR A 172 -14.23 -11.46 -19.29
N ASN A 173 -14.69 -10.67 -18.31
CA ASN A 173 -15.72 -9.67 -18.55
C ASN A 173 -17.02 -10.29 -19.06
N ILE A 174 -17.34 -11.49 -18.55
CA ILE A 174 -18.58 -12.17 -18.91
C ILE A 174 -19.29 -12.54 -17.61
N GLU A 175 -18.91 -11.87 -16.54
CA GLU A 175 -19.48 -12.11 -15.22
C GLU A 175 -20.79 -11.34 -15.01
N ASN A 176 -20.84 -10.11 -15.51
CA ASN A 176 -22.03 -9.28 -15.37
C ASN A 176 -23.03 -9.68 -16.45
N TRP A 177 -24.20 -10.14 -16.02
CA TRP A 177 -25.23 -10.60 -16.95
C TRP A 177 -25.71 -9.57 -17.97
N THR A 178 -25.73 -8.29 -17.61
CA THR A 178 -26.19 -7.26 -18.53
C THR A 178 -25.20 -6.87 -19.64
N TRP A 179 -23.96 -7.33 -19.56
CA TRP A 179 -22.97 -6.99 -20.57
C TRP A 179 -23.18 -7.73 -21.89
N ALA A 180 -22.96 -7.03 -23.00
CA ALA A 180 -23.13 -7.59 -24.33
C ALA A 180 -22.23 -8.80 -24.58
N LYS A 181 -21.00 -8.75 -24.08
CA LYS A 181 -20.07 -9.85 -24.26
C LYS A 181 -20.59 -11.10 -23.55
N THR A 182 -21.15 -10.91 -22.36
CA THR A 182 -21.70 -12.01 -21.58
C THR A 182 -22.82 -12.67 -22.38
N GLN A 183 -23.61 -11.84 -23.06
CA GLN A 183 -24.72 -12.33 -23.88
C GLN A 183 -24.23 -13.06 -25.11
N GLY A 184 -23.13 -12.59 -25.68
CA GLY A 184 -22.58 -13.24 -26.86
C GLY A 184 -22.16 -14.65 -26.51
N VAL A 185 -21.41 -14.79 -25.42
CA VAL A 185 -20.94 -16.10 -24.98
C VAL A 185 -22.11 -17.03 -24.67
N TYR A 186 -23.11 -16.48 -23.99
CA TYR A 186 -24.30 -17.24 -23.63
C TYR A 186 -24.98 -17.81 -24.87
N ASN A 187 -25.22 -16.95 -25.86
CA ASN A 187 -25.87 -17.40 -27.10
C ASN A 187 -25.09 -18.51 -27.76
N MET A 188 -23.77 -18.42 -27.73
CA MET A 188 -22.91 -19.44 -28.34
C MET A 188 -23.05 -20.78 -27.64
N VAL A 189 -22.95 -20.78 -26.31
CA VAL A 189 -23.06 -22.01 -25.55
C VAL A 189 -24.44 -22.63 -25.72
N ARG A 190 -25.47 -21.78 -25.75
CA ARG A 190 -26.84 -22.26 -25.93
C ARG A 190 -26.92 -22.95 -27.29
N ASP A 191 -26.33 -22.32 -28.29
CA ASP A 191 -26.31 -22.86 -29.65
C ASP A 191 -25.57 -24.19 -29.69
N PHE A 192 -24.39 -24.23 -29.07
CA PHE A 192 -23.58 -25.44 -29.03
C PHE A 192 -24.33 -26.62 -28.42
N LYS A 193 -25.07 -26.36 -27.34
CA LYS A 193 -25.81 -27.41 -26.66
C LYS A 193 -26.93 -27.95 -27.56
N GLN A 194 -27.57 -27.07 -28.31
CA GLN A 194 -28.65 -27.48 -29.21
C GLN A 194 -28.14 -28.28 -30.39
N ARG A 195 -26.99 -27.90 -30.94
CA ARG A 195 -26.44 -28.58 -32.09
C ARG A 195 -25.51 -29.75 -31.76
N GLY A 196 -25.48 -30.14 -30.49
CA GLY A 196 -24.65 -31.26 -30.07
C GLY A 196 -23.15 -31.02 -29.98
N VAL A 197 -22.72 -29.77 -30.04
CA VAL A 197 -21.29 -29.47 -29.94
C VAL A 197 -20.83 -29.85 -28.53
N PRO A 198 -19.71 -30.58 -28.42
CA PRO A 198 -19.19 -31.00 -27.12
C PRO A 198 -18.51 -29.91 -26.28
N ILE A 199 -19.25 -29.35 -25.34
CA ILE A 199 -18.75 -28.33 -24.43
C ILE A 199 -19.34 -28.71 -23.07
N ASP A 200 -18.47 -28.89 -22.08
CA ASP A 200 -18.93 -29.31 -20.75
C ASP A 200 -18.97 -28.22 -19.68
N CYS A 201 -18.16 -27.18 -19.87
CA CYS A 201 -18.08 -26.12 -18.86
C CYS A 201 -17.75 -24.75 -19.43
N VAL A 202 -18.08 -23.73 -18.66
CA VAL A 202 -17.77 -22.36 -19.03
C VAL A 202 -16.98 -21.79 -17.86
N GLY A 203 -15.80 -21.27 -18.16
CA GLY A 203 -14.97 -20.70 -17.13
C GLY A 203 -15.10 -19.19 -17.11
N PHE A 204 -15.31 -18.64 -15.91
CA PHE A 204 -15.43 -17.21 -15.73
C PHE A 204 -14.15 -16.79 -15.03
N GLN A 205 -13.27 -16.12 -15.78
CA GLN A 205 -11.99 -15.68 -15.22
C GLN A 205 -12.16 -14.91 -13.93
N SER A 206 -13.13 -14.00 -13.90
CA SER A 206 -13.40 -13.21 -12.71
C SER A 206 -12.27 -12.29 -12.26
N HIS A 207 -11.77 -11.48 -13.18
CA HIS A 207 -10.74 -10.50 -12.85
C HIS A 207 -11.53 -9.24 -12.54
N PHE A 208 -11.78 -9.01 -11.26
CA PHE A 208 -12.55 -7.85 -10.84
C PHE A 208 -11.66 -6.69 -10.36
N ASN A 209 -12.04 -5.48 -10.75
CA ASN A 209 -11.34 -4.26 -10.37
C ASN A 209 -12.32 -3.11 -10.56
N SER A 210 -11.94 -1.90 -10.15
CA SER A 210 -12.87 -0.77 -10.29
C SER A 210 -13.28 -0.52 -11.74
N GLY A 211 -12.50 -1.05 -12.68
CA GLY A 211 -12.85 -0.87 -14.08
C GLY A 211 -13.91 -1.87 -14.53
N SER A 212 -13.91 -3.03 -13.89
CA SER A 212 -14.87 -4.10 -14.19
C SER A 212 -15.17 -4.75 -12.84
N PRO A 213 -15.95 -4.06 -12.00
CA PRO A 213 -16.33 -4.51 -10.66
C PRO A 213 -17.26 -5.70 -10.55
N TYR A 214 -17.19 -6.37 -9.40
CA TYR A 214 -18.05 -7.50 -9.12
C TYR A 214 -19.45 -6.92 -8.97
N ASN A 215 -20.43 -7.66 -9.46
CA ASN A 215 -21.83 -7.26 -9.36
C ASN A 215 -22.56 -8.51 -8.89
N SER A 216 -23.52 -8.33 -7.99
CA SER A 216 -24.24 -9.47 -7.45
C SER A 216 -24.99 -10.28 -8.51
N ASN A 217 -25.22 -9.70 -9.70
CA ASN A 217 -25.93 -10.46 -10.72
C ASN A 217 -25.02 -11.54 -11.31
N PHE A 218 -23.81 -11.64 -10.78
CA PHE A 218 -22.86 -12.66 -11.21
C PHE A 218 -23.48 -14.03 -10.92
N ARG A 219 -24.16 -14.14 -9.78
CA ARG A 219 -24.80 -15.40 -9.41
C ARG A 219 -25.84 -15.79 -10.46
N THR A 220 -26.56 -14.78 -10.98
CA THR A 220 -27.58 -15.01 -11.99
C THR A 220 -26.93 -15.52 -13.28
N THR A 221 -25.77 -14.96 -13.63
CA THR A 221 -25.05 -15.39 -14.82
C THR A 221 -24.70 -16.86 -14.65
N LEU A 222 -24.13 -17.20 -13.51
CA LEU A 222 -23.74 -18.58 -13.19
C LEU A 222 -24.93 -19.53 -13.28
N GLN A 223 -26.06 -19.12 -12.72
CA GLN A 223 -27.25 -19.96 -12.75
C GLN A 223 -27.83 -20.09 -14.16
N ASN A 224 -27.79 -19.00 -14.93
CA ASN A 224 -28.31 -19.05 -16.31
C ASN A 224 -27.48 -20.00 -17.17
N PHE A 225 -26.16 -19.97 -17.00
CA PHE A 225 -25.32 -20.88 -17.77
C PHE A 225 -25.52 -22.32 -17.30
N ALA A 226 -25.59 -22.51 -16.00
CA ALA A 226 -25.79 -23.83 -15.42
C ALA A 226 -27.10 -24.44 -15.93
N ALA A 227 -28.09 -23.59 -16.14
CA ALA A 227 -29.39 -24.03 -16.62
C ALA A 227 -29.32 -24.59 -18.04
N LEU A 228 -28.25 -24.27 -18.76
CA LEU A 228 -28.07 -24.77 -20.13
C LEU A 228 -27.53 -26.19 -20.13
N GLY A 229 -27.13 -26.69 -18.97
CA GLY A 229 -26.61 -28.04 -18.91
C GLY A 229 -25.09 -28.13 -18.92
N VAL A 230 -24.42 -27.04 -18.57
CA VAL A 230 -22.96 -27.03 -18.52
C VAL A 230 -22.53 -26.70 -17.09
N ASP A 231 -21.34 -27.14 -16.72
CA ASP A 231 -20.84 -26.82 -15.39
C ASP A 231 -20.21 -25.44 -15.51
N VAL A 232 -20.01 -24.78 -14.39
CA VAL A 232 -19.40 -23.45 -14.40
C VAL A 232 -18.26 -23.44 -13.39
N ALA A 233 -17.23 -22.65 -13.68
CA ALA A 233 -16.10 -22.56 -12.78
C ALA A 233 -15.52 -21.15 -12.79
N ILE A 234 -15.05 -20.71 -11.63
CA ILE A 234 -14.41 -19.41 -11.47
C ILE A 234 -12.94 -19.81 -11.65
N THR A 235 -12.36 -19.40 -12.77
CA THR A 235 -11.00 -19.81 -13.12
C THR A 235 -9.77 -18.96 -12.82
N GLU A 236 -9.90 -17.65 -12.75
CA GLU A 236 -8.72 -16.80 -12.51
C GLU A 236 -9.04 -15.63 -11.58
N LEU A 237 -9.80 -15.93 -10.54
CA LEU A 237 -10.22 -14.92 -9.59
C LEU A 237 -9.14 -14.12 -8.87
N ASP A 238 -9.28 -12.80 -8.93
CA ASP A 238 -8.44 -11.86 -8.20
C ASP A 238 -9.27 -10.60 -8.14
N ILE A 239 -9.24 -9.93 -7.00
CA ILE A 239 -10.03 -8.73 -6.78
C ILE A 239 -9.18 -7.55 -6.33
N GLN A 240 -9.17 -6.49 -7.14
CA GLN A 240 -8.41 -5.30 -6.81
C GLN A 240 -8.78 -4.83 -5.41
N GLY A 241 -7.80 -4.77 -4.52
CA GLY A 241 -8.09 -4.33 -3.18
C GLY A 241 -8.39 -5.50 -2.25
N ALA A 242 -8.71 -6.65 -2.83
CA ALA A 242 -8.99 -7.85 -2.06
C ALA A 242 -10.01 -7.63 -0.94
N SER A 243 -11.10 -6.95 -1.26
CA SER A 243 -12.15 -6.68 -0.29
C SER A 243 -12.69 -7.98 0.31
N SER A 244 -12.78 -8.03 1.63
CA SER A 244 -13.29 -9.22 2.31
C SER A 244 -14.72 -9.57 1.89
N SER A 245 -15.57 -8.54 1.81
CA SER A 245 -16.98 -8.75 1.44
C SER A 245 -17.13 -9.30 0.03
N THR A 246 -16.38 -8.76 -0.90
CA THR A 246 -16.45 -9.19 -2.28
C THR A 246 -15.95 -10.62 -2.43
N TYR A 247 -14.83 -10.93 -1.77
CA TYR A 247 -14.29 -12.28 -1.84
C TYR A 247 -15.31 -13.28 -1.29
N ALA A 248 -15.98 -12.89 -0.21
CA ALA A 248 -16.98 -13.76 0.40
C ALA A 248 -18.19 -13.89 -0.52
N ALA A 249 -18.56 -12.78 -1.16
CA ALA A 249 -19.72 -12.79 -2.07
C ALA A 249 -19.50 -13.73 -3.25
N VAL A 250 -18.32 -13.67 -3.86
CA VAL A 250 -18.01 -14.53 -4.99
C VAL A 250 -18.06 -15.99 -4.55
N THR A 251 -17.48 -16.27 -3.39
CA THR A 251 -17.45 -17.61 -2.86
C THR A 251 -18.88 -18.13 -2.64
N ASN A 252 -19.73 -17.29 -2.04
CA ASN A 252 -21.12 -17.68 -1.80
C ASN A 252 -21.91 -17.86 -3.08
N ASP A 253 -21.59 -17.09 -4.12
CA ASP A 253 -22.31 -17.24 -5.38
C ASP A 253 -22.09 -18.65 -5.93
N CYS A 254 -20.85 -19.15 -5.83
CA CYS A 254 -20.51 -20.47 -6.32
C CYS A 254 -21.18 -21.56 -5.49
N LEU A 255 -21.18 -21.38 -4.16
CA LEU A 255 -21.82 -22.35 -3.28
C LEU A 255 -23.32 -22.42 -3.51
N ALA A 256 -23.91 -21.35 -4.02
CA ALA A 256 -25.35 -21.29 -4.28
C ALA A 256 -25.75 -21.91 -5.62
N VAL A 257 -24.75 -22.35 -6.39
CA VAL A 257 -24.98 -22.95 -7.69
C VAL A 257 -24.40 -24.37 -7.68
N SER A 258 -25.28 -25.38 -7.72
CA SER A 258 -24.82 -26.77 -7.67
C SER A 258 -23.83 -27.15 -8.78
N ARG A 259 -23.91 -26.50 -9.93
CA ARG A 259 -23.00 -26.81 -11.04
C ARG A 259 -21.69 -26.03 -10.98
N CYS A 260 -21.51 -25.23 -9.93
CA CYS A 260 -20.27 -24.47 -9.80
C CYS A 260 -19.26 -25.43 -9.17
N LEU A 261 -18.36 -25.94 -10.01
CA LEU A 261 -17.36 -26.91 -9.57
C LEU A 261 -16.36 -26.42 -8.54
N GLY A 262 -15.99 -25.15 -8.61
CA GLY A 262 -15.03 -24.63 -7.65
C GLY A 262 -14.45 -23.28 -8.04
N ILE A 263 -13.51 -22.81 -7.23
CA ILE A 263 -12.87 -21.52 -7.43
C ILE A 263 -11.36 -21.63 -7.49
N THR A 264 -10.76 -20.91 -8.43
CA THR A 264 -9.32 -20.87 -8.56
C THR A 264 -8.92 -19.40 -8.47
N VAL A 265 -8.02 -19.06 -7.55
CA VAL A 265 -7.54 -17.67 -7.45
C VAL A 265 -6.28 -17.65 -8.31
N TRP A 266 -6.09 -16.56 -9.04
CA TRP A 266 -4.94 -16.47 -9.94
C TRP A 266 -3.62 -16.12 -9.27
N GLY A 267 -3.14 -17.02 -8.42
CA GLY A 267 -1.88 -16.79 -7.75
C GLY A 267 -1.94 -17.09 -6.27
N VAL A 268 -0.77 -17.21 -5.65
CA VAL A 268 -0.67 -17.51 -4.23
C VAL A 268 -0.57 -16.22 -3.39
N ARG A 269 0.58 -15.53 -3.49
CA ARG A 269 0.78 -14.29 -2.74
C ARG A 269 0.61 -13.08 -3.67
N ASP A 270 0.27 -11.93 -3.10
CA ASP A 270 0.10 -10.71 -3.89
C ASP A 270 1.33 -10.45 -4.78
N THR A 271 2.51 -10.75 -4.23
CA THR A 271 3.76 -10.54 -4.96
C THR A 271 3.94 -11.52 -6.13
N ASP A 272 3.10 -12.55 -6.20
CA ASP A 272 3.18 -13.53 -7.28
C ASP A 272 2.21 -13.17 -8.40
N SER A 273 1.30 -12.25 -8.11
CA SER A 273 0.28 -11.81 -9.06
C SER A 273 0.76 -10.99 -10.26
N TRP A 274 0.07 -11.15 -11.37
CA TRP A 274 0.38 -10.41 -12.59
C TRP A 274 -0.09 -8.97 -12.39
N ARG A 275 -0.76 -8.73 -11.27
CA ARG A 275 -1.27 -7.41 -10.91
C ARG A 275 -0.97 -7.16 -9.43
N SER A 276 0.29 -7.39 -9.05
CA SER A 276 0.71 -7.21 -7.66
C SER A 276 0.34 -5.84 -7.11
N GLY A 277 0.30 -4.84 -7.99
CA GLY A 277 -0.02 -3.49 -7.56
C GLY A 277 -1.40 -3.35 -6.95
N ASP A 278 -2.31 -4.25 -7.31
CA ASP A 278 -3.67 -4.22 -6.80
C ASP A 278 -3.86 -5.09 -5.56
N THR A 279 -2.77 -5.70 -5.06
CA THR A 279 -2.85 -6.57 -3.88
C THR A 279 -4.22 -7.26 -3.94
N PRO A 280 -4.45 -8.05 -5.01
CA PRO A 280 -5.71 -8.75 -5.24
C PRO A 280 -5.86 -10.18 -4.77
N LEU A 281 -4.85 -10.72 -4.09
CA LEU A 281 -4.93 -12.12 -3.64
C LEU A 281 -5.19 -12.31 -2.16
N LEU A 282 -5.17 -13.57 -1.72
CA LEU A 282 -5.46 -13.93 -0.32
C LEU A 282 -4.29 -13.93 0.67
N PHE A 283 -3.07 -13.99 0.17
CA PHE A 283 -1.89 -13.95 1.04
C PHE A 283 -1.03 -12.78 0.60
N ASN A 284 -0.38 -12.12 1.55
CA ASN A 284 0.47 -10.98 1.18
C ASN A 284 1.89 -11.46 0.90
N GLY A 285 2.75 -10.50 0.55
CA GLY A 285 4.14 -10.82 0.23
C GLY A 285 4.85 -11.64 1.28
N ASP A 286 4.53 -11.41 2.54
CA ASP A 286 5.15 -12.12 3.65
C ASP A 286 4.63 -13.55 3.74
N GLY A 287 3.62 -13.86 2.94
CA GLY A 287 3.06 -15.19 2.96
C GLY A 287 2.04 -15.37 4.07
N SER A 288 1.69 -14.27 4.73
CA SER A 288 0.72 -14.33 5.82
C SER A 288 -0.70 -14.12 5.28
N LYS A 289 -1.66 -14.75 5.94
CA LYS A 289 -3.07 -14.66 5.55
C LYS A 289 -3.63 -13.25 5.68
N LYS A 290 -4.38 -12.82 4.68
CA LYS A 290 -4.98 -11.49 4.70
C LYS A 290 -6.39 -11.59 5.27
N ALA A 291 -7.02 -10.44 5.52
CA ALA A 291 -8.37 -10.42 6.05
C ALA A 291 -9.33 -11.19 5.13
N ALA A 292 -9.15 -11.06 3.83
CA ALA A 292 -10.02 -11.75 2.87
C ALA A 292 -9.91 -13.27 2.97
N TYR A 293 -8.76 -13.77 3.40
CA TYR A 293 -8.59 -15.21 3.52
C TYR A 293 -9.60 -15.75 4.51
N THR A 294 -9.66 -15.15 5.69
CA THR A 294 -10.58 -15.58 6.73
C THR A 294 -12.02 -15.49 6.25
N ALA A 295 -12.34 -14.46 5.50
CA ALA A 295 -13.70 -14.28 4.98
C ALA A 295 -14.07 -15.41 4.02
N VAL A 296 -13.12 -15.84 3.19
CA VAL A 296 -13.38 -16.92 2.25
C VAL A 296 -13.56 -18.25 2.98
N LEU A 297 -12.66 -18.53 3.92
CA LEU A 297 -12.72 -19.77 4.70
C LEU A 297 -14.05 -19.85 5.46
N ASN A 298 -14.41 -18.76 6.11
CA ASN A 298 -15.66 -18.74 6.85
C ASN A 298 -16.84 -18.99 5.93
N ALA A 299 -16.80 -18.45 4.72
CA ALA A 299 -17.89 -18.65 3.77
C ALA A 299 -17.99 -20.14 3.40
N LEU A 300 -16.84 -20.74 3.08
CA LEU A 300 -16.79 -22.16 2.70
C LEU A 300 -17.23 -23.08 3.82
N ASN A 301 -16.99 -22.68 5.07
CA ASN A 301 -17.37 -23.49 6.22
C ASN A 301 -18.83 -23.30 6.63
N GLY A 302 -19.62 -22.71 5.75
CA GLY A 302 -21.01 -22.48 6.06
C GLY A 302 -21.28 -21.00 6.27
N GLY A 303 -22.20 -20.45 5.48
CA GLY A 303 -22.53 -19.05 5.60
C GLY A 303 -21.95 -18.25 4.44
N GLY A 313 -20.03 -1.39 15.77
CA GLY A 313 -20.44 -2.31 16.89
C GLY A 313 -19.38 -2.49 17.96
N GLN A 314 -19.78 -3.03 19.10
CA GLN A 314 -18.86 -3.26 20.21
C GLN A 314 -18.12 -4.58 20.08
N ILE A 315 -16.95 -4.64 20.72
CA ILE A 315 -16.15 -5.85 20.73
C ILE A 315 -16.01 -6.21 22.21
N LYS A 316 -16.70 -7.27 22.60
CA LYS A 316 -16.72 -7.70 23.99
C LYS A 316 -15.84 -8.90 24.30
N GLY A 317 -15.02 -8.77 25.33
CA GLY A 317 -14.15 -9.86 25.73
C GLY A 317 -14.98 -10.94 26.40
N VAL A 318 -14.77 -12.19 25.99
CA VAL A 318 -15.51 -13.31 26.54
C VAL A 318 -15.19 -13.55 28.01
N GLY A 319 -13.90 -13.58 28.34
CA GLY A 319 -13.51 -13.82 29.71
C GLY A 319 -13.79 -12.71 30.71
N SER A 320 -13.91 -11.47 30.24
CA SER A 320 -14.16 -10.35 31.13
C SER A 320 -15.57 -9.77 31.04
N GLY A 321 -16.24 -9.99 29.92
CA GLY A 321 -17.57 -9.44 29.78
C GLY A 321 -17.50 -7.93 29.58
N ARG A 322 -16.30 -7.40 29.41
CA ARG A 322 -16.12 -5.98 29.19
C ARG A 322 -15.76 -5.69 27.73
N CYS A 323 -15.87 -4.43 27.33
CA CYS A 323 -15.63 -4.03 25.94
C CYS A 323 -14.31 -3.31 25.61
N LEU A 324 -13.88 -3.48 24.37
CA LEU A 324 -12.66 -2.85 23.87
C LEU A 324 -12.97 -1.35 23.93
N ASP A 325 -12.15 -0.61 24.67
CA ASP A 325 -12.42 0.80 24.90
C ASP A 325 -11.20 1.71 24.76
N VAL A 326 -11.40 2.89 24.17
CA VAL A 326 -10.33 3.87 24.02
C VAL A 326 -10.50 4.83 25.20
N PRO A 327 -9.58 4.79 26.18
CA PRO A 327 -9.59 5.61 27.39
C PRO A 327 -10.04 7.06 27.22
N ASN A 328 -11.05 7.45 28.02
CA ASN A 328 -11.57 8.81 28.01
C ASN A 328 -11.98 9.32 26.64
N ALA A 329 -12.32 8.39 25.73
CA ALA A 329 -12.71 8.78 24.39
C ALA A 329 -11.64 9.63 23.73
N SER A 330 -10.37 9.34 24.04
CA SER A 330 -9.25 10.07 23.47
C SER A 330 -9.08 9.78 21.98
N THR A 331 -8.48 10.72 21.26
CA THR A 331 -8.27 10.55 19.82
C THR A 331 -6.80 10.74 19.46
N THR A 332 -5.95 10.86 20.47
CA THR A 332 -4.54 11.08 20.22
C THR A 332 -3.85 9.78 19.82
N ASP A 333 -2.98 9.87 18.80
CA ASP A 333 -2.24 8.71 18.33
C ASP A 333 -1.36 8.19 19.47
N GLY A 334 -1.25 6.88 19.57
CA GLY A 334 -0.42 6.29 20.62
C GLY A 334 -1.18 5.88 21.87
N THR A 335 -2.46 6.24 21.94
CA THR A 335 -3.28 5.89 23.11
C THR A 335 -3.55 4.39 23.12
N GLN A 336 -3.11 3.70 24.16
CA GLN A 336 -3.32 2.26 24.26
C GLN A 336 -4.75 1.95 24.69
N VAL A 337 -5.37 0.98 24.02
CA VAL A 337 -6.74 0.60 24.32
C VAL A 337 -6.81 -0.28 25.57
N GLN A 338 -8.00 -0.39 26.15
CA GLN A 338 -8.20 -1.17 27.38
C GLN A 338 -9.57 -1.84 27.37
N LEU A 339 -9.86 -2.54 28.47
CA LEU A 339 -11.15 -3.19 28.67
C LEU A 339 -11.92 -2.25 29.58
N TYR A 340 -13.22 -2.10 29.33
CA TYR A 340 -14.03 -1.23 30.17
C TYR A 340 -15.50 -1.62 30.06
N ASP A 341 -16.25 -1.36 31.13
CA ASP A 341 -17.68 -1.69 31.14
C ASP A 341 -18.31 -1.22 29.84
N CYS A 342 -19.06 -2.10 29.20
CA CYS A 342 -19.70 -1.77 27.94
C CYS A 342 -20.82 -0.74 28.07
N HIS A 343 -20.90 0.15 27.10
CA HIS A 343 -21.94 1.18 27.05
C HIS A 343 -21.86 1.87 25.71
N SER A 344 -23.03 2.21 25.15
CA SER A 344 -23.09 2.86 23.85
C SER A 344 -22.39 4.21 23.82
N ALA A 345 -21.11 4.19 23.46
CA ALA A 345 -20.30 5.40 23.36
C ALA A 345 -19.44 5.20 22.11
N THR A 346 -19.10 6.29 21.43
CA THR A 346 -18.31 6.19 20.21
C THR A 346 -16.93 5.57 20.42
N ASN A 347 -16.38 5.72 21.62
CA ASN A 347 -15.05 5.17 21.89
C ASN A 347 -15.09 3.68 22.19
N GLN A 348 -16.22 3.04 21.84
CA GLN A 348 -16.40 1.62 22.03
C GLN A 348 -17.04 1.00 20.79
N GLN A 349 -17.28 1.83 19.77
CA GLN A 349 -17.89 1.36 18.55
C GLN A 349 -16.82 1.19 17.47
N TRP A 350 -16.54 -0.07 17.13
CA TRP A 350 -15.52 -0.37 16.14
C TRP A 350 -16.12 -0.87 14.83
N THR A 351 -15.56 -0.42 13.72
CA THR A 351 -16.04 -0.85 12.42
C THR A 351 -14.97 -1.70 11.75
N TYR A 352 -15.36 -2.90 11.34
CA TYR A 352 -14.44 -3.80 10.66
C TYR A 352 -14.60 -3.52 9.16
N THR A 353 -13.57 -2.96 8.55
CA THR A 353 -13.63 -2.60 7.13
C THR A 353 -13.26 -3.76 6.21
N ASP A 354 -13.59 -3.61 4.92
CA ASP A 354 -13.28 -4.63 3.93
C ASP A 354 -11.78 -4.86 3.80
N ALA A 355 -11.00 -3.82 4.10
CA ALA A 355 -9.54 -3.93 4.03
C ALA A 355 -9.01 -4.67 5.25
N GLY A 356 -9.87 -4.89 6.24
CA GLY A 356 -9.45 -5.62 7.43
C GLY A 356 -9.03 -4.77 8.61
N GLU A 357 -9.45 -3.51 8.63
CA GLU A 357 -9.10 -2.62 9.75
C GLU A 357 -10.22 -2.60 10.79
N LEU A 358 -9.85 -2.20 12.00
CA LEU A 358 -10.83 -2.04 13.07
C LEU A 358 -10.75 -0.54 13.34
N ARG A 359 -11.71 0.20 12.78
CA ARG A 359 -11.73 1.64 12.92
C ARG A 359 -12.62 2.17 14.02
N VAL A 360 -12.21 3.29 14.60
CA VAL A 360 -12.97 3.97 15.64
C VAL A 360 -12.86 5.46 15.31
N TYR A 361 -13.92 6.21 15.58
CA TYR A 361 -13.95 7.64 15.30
C TYR A 361 -13.90 7.91 13.81
N GLY A 362 -14.12 6.86 13.01
CA GLY A 362 -14.12 7.01 11.57
C GLY A 362 -12.77 6.94 10.88
N ASP A 363 -11.74 7.55 11.47
CA ASP A 363 -10.43 7.55 10.82
C ASP A 363 -9.24 7.14 11.70
N LYS A 364 -9.50 6.49 12.83
CA LYS A 364 -8.43 6.01 13.70
C LYS A 364 -8.45 4.49 13.58
N CYS A 365 -7.27 3.87 13.61
CA CYS A 365 -7.17 2.42 13.46
C CYS A 365 -6.52 1.68 14.61
N LEU A 366 -7.04 0.50 14.92
CA LEU A 366 -6.47 -0.33 15.98
C LEU A 366 -5.09 -0.60 15.40
N ASP A 367 -4.06 -0.25 16.15
CA ASP A 367 -2.69 -0.35 15.68
C ASP A 367 -1.72 -1.12 16.58
N ALA A 368 -0.92 -1.98 15.99
CA ALA A 368 0.09 -2.75 16.74
C ALA A 368 1.43 -2.07 16.52
N ALA A 369 2.04 -1.59 17.61
CA ALA A 369 3.32 -0.91 17.54
C ALA A 369 4.51 -1.87 17.59
N GLY A 370 4.39 -2.98 16.87
CA GLY A 370 5.46 -3.96 16.85
C GLY A 370 4.91 -5.32 16.46
N THR A 371 5.74 -6.35 16.49
CA THR A 371 5.29 -7.69 16.11
C THR A 371 5.49 -8.79 17.15
N GLY A 372 6.23 -8.51 18.22
CA GLY A 372 6.46 -9.53 19.21
C GLY A 372 5.47 -9.56 20.36
N ASN A 373 5.59 -10.56 21.23
CA ASN A 373 4.71 -10.68 22.39
C ASN A 373 4.85 -9.45 23.25
N GLY A 374 3.74 -9.02 23.84
CA GLY A 374 3.77 -7.85 24.69
C GLY A 374 3.66 -6.54 23.94
N THR A 375 3.54 -6.61 22.62
CA THR A 375 3.42 -5.41 21.83
C THR A 375 2.14 -4.67 22.20
N LYS A 376 2.28 -3.37 22.41
CA LYS A 376 1.19 -2.49 22.77
C LYS A 376 0.18 -2.33 21.62
N VAL A 377 -1.10 -2.48 21.92
CA VAL A 377 -2.13 -2.30 20.90
C VAL A 377 -2.76 -0.95 21.21
N GLN A 378 -2.79 -0.09 20.21
CA GLN A 378 -3.26 1.28 20.37
C GLN A 378 -4.05 1.75 19.16
N ILE A 379 -4.36 3.04 19.14
CA ILE A 379 -5.04 3.63 18.01
C ILE A 379 -4.00 4.54 17.36
N TYR A 380 -4.06 4.64 16.04
CA TYR A 380 -3.14 5.47 15.29
C TYR A 380 -3.89 5.81 14.01
N SER A 381 -3.46 6.87 13.33
CA SER A 381 -4.11 7.28 12.10
C SER A 381 -4.08 6.10 11.13
N CYS A 382 -5.20 5.86 10.45
CA CYS A 382 -5.27 4.77 9.48
C CYS A 382 -4.47 5.14 8.24
N TRP A 383 -3.59 4.24 7.81
CA TRP A 383 -2.80 4.50 6.63
C TRP A 383 -2.65 3.25 5.77
N GLY A 384 -3.22 2.14 6.23
CA GLY A 384 -3.17 0.90 5.46
C GLY A 384 -2.03 -0.09 5.72
N GLY A 385 -1.26 0.13 6.78
CA GLY A 385 -0.18 -0.79 7.08
C GLY A 385 -0.70 -2.14 7.53
N ASP A 386 0.10 -3.19 7.38
CA ASP A 386 -0.33 -4.53 7.79
C ASP A 386 -0.45 -4.65 9.30
N ASN A 387 0.14 -3.71 10.02
CA ASN A 387 0.07 -3.73 11.48
C ASN A 387 -1.26 -3.10 11.91
N GLN A 388 -2.09 -2.76 10.93
CA GLN A 388 -3.41 -2.19 11.21
C GLN A 388 -4.48 -3.07 10.59
N LYS A 389 -4.10 -4.30 10.22
CA LYS A 389 -5.04 -5.24 9.61
C LYS A 389 -5.24 -6.40 10.57
N TRP A 390 -6.49 -6.87 10.65
CA TRP A 390 -6.83 -7.95 11.56
C TRP A 390 -7.71 -9.01 10.95
N ARG A 391 -7.65 -10.21 11.52
CA ARG A 391 -8.48 -11.32 11.06
C ARG A 391 -9.37 -11.75 12.21
N LEU A 392 -10.68 -11.69 12.00
CA LEU A 392 -11.62 -12.11 13.02
C LEU A 392 -11.96 -13.57 12.77
N ASN A 393 -11.29 -14.46 13.47
CA ASN A 393 -11.53 -15.88 13.30
C ASN A 393 -12.86 -16.34 13.89
N SER A 394 -13.41 -17.41 13.33
CA SER A 394 -14.68 -17.95 13.78
C SER A 394 -14.64 -18.40 15.24
N ASP A 395 -13.46 -18.76 15.73
CA ASP A 395 -13.32 -19.21 17.11
C ASP A 395 -13.38 -18.08 18.12
N GLY A 396 -13.42 -16.84 17.63
CA GLY A 396 -13.50 -15.69 18.52
C GLY A 396 -12.20 -14.93 18.70
N SER A 397 -11.10 -15.48 18.19
CA SER A 397 -9.81 -14.81 18.33
C SER A 397 -9.68 -13.71 17.26
N ILE A 398 -8.81 -12.74 17.55
CA ILE A 398 -8.56 -11.65 16.64
C ILE A 398 -7.05 -11.64 16.42
N VAL A 399 -6.63 -11.96 15.21
CA VAL A 399 -5.21 -12.05 14.89
C VAL A 399 -4.68 -10.90 14.04
N GLY A 400 -3.49 -10.43 14.40
CA GLY A 400 -2.87 -9.35 13.64
C GLY A 400 -2.27 -9.93 12.38
N VAL A 401 -2.58 -9.34 11.23
CA VAL A 401 -2.06 -9.84 9.96
C VAL A 401 -0.54 -9.85 9.87
N GLN A 402 0.08 -8.74 10.27
CA GLN A 402 1.54 -8.62 10.19
C GLN A 402 2.28 -9.49 11.17
N SER A 403 1.77 -9.57 12.41
CA SER A 403 2.41 -10.34 13.47
C SER A 403 1.97 -11.79 13.61
N GLY A 404 0.73 -12.08 13.24
CA GLY A 404 0.24 -13.44 13.41
C GLY A 404 -0.03 -13.71 14.88
N LEU A 405 -0.08 -12.65 15.67
CA LEU A 405 -0.35 -12.76 17.10
C LEU A 405 -1.79 -12.37 17.43
N CYS A 406 -2.26 -12.80 18.60
CA CYS A 406 -3.63 -12.54 19.05
C CYS A 406 -3.83 -11.33 19.96
N LEU A 407 -5.01 -10.70 19.86
CA LEU A 407 -5.35 -9.58 20.72
C LEU A 407 -5.42 -10.26 22.08
N ASP A 408 -4.78 -9.66 23.07
CA ASP A 408 -4.71 -10.27 24.38
C ASP A 408 -4.85 -9.30 25.53
N ALA A 409 -5.75 -9.61 26.46
CA ALA A 409 -5.97 -8.79 27.64
C ALA A 409 -4.88 -9.20 28.65
N VAL A 410 -3.93 -8.30 28.84
CA VAL A 410 -2.78 -8.51 29.72
C VAL A 410 -3.02 -9.28 31.02
N GLY A 411 -2.23 -10.34 31.21
CA GLY A 411 -2.31 -11.16 32.41
C GLY A 411 -3.66 -11.77 32.71
N GLY A 412 -4.55 -11.77 31.73
CA GLY A 412 -5.87 -12.33 31.94
C GLY A 412 -6.72 -11.44 32.82
N GLY A 413 -6.32 -10.18 32.94
CA GLY A 413 -7.08 -9.23 33.75
C GLY A 413 -8.50 -9.10 33.22
N THR A 414 -9.44 -8.78 34.12
CA THR A 414 -10.85 -8.64 33.73
C THR A 414 -11.46 -7.31 34.16
N ALA A 415 -10.76 -6.57 35.01
CA ALA A 415 -11.25 -5.29 35.52
C ALA A 415 -11.04 -4.13 34.55
N ASN A 416 -11.81 -3.06 34.75
CA ASN A 416 -11.69 -1.87 33.92
C ASN A 416 -10.24 -1.40 33.97
N GLY A 417 -9.70 -1.00 32.82
CA GLY A 417 -8.32 -0.54 32.79
C GLY A 417 -7.33 -1.60 32.39
N THR A 418 -7.78 -2.83 32.23
CA THR A 418 -6.89 -3.90 31.81
C THR A 418 -6.45 -3.57 30.38
N LEU A 419 -5.13 -3.45 30.17
CA LEU A 419 -4.60 -3.11 28.86
C LEU A 419 -4.63 -4.25 27.85
N ILE A 420 -4.59 -3.89 26.58
CA ILE A 420 -4.61 -4.87 25.49
C ILE A 420 -3.23 -4.92 24.84
N GLN A 421 -2.80 -6.13 24.45
CA GLN A 421 -1.51 -6.32 23.82
C GLN A 421 -1.61 -7.45 22.80
N LEU A 422 -0.51 -7.69 22.08
CA LEU A 422 -0.44 -8.80 21.13
C LEU A 422 0.26 -9.89 21.92
N TYR A 423 -0.14 -11.14 21.70
CA TYR A 423 0.48 -12.25 22.42
C TYR A 423 0.21 -13.57 21.70
N SER A 424 1.12 -14.52 21.85
CA SER A 424 0.97 -15.82 21.22
C SER A 424 -0.45 -16.33 21.48
N CYS A 425 -1.12 -16.75 20.42
CA CYS A 425 -2.49 -17.25 20.53
C CYS A 425 -2.53 -18.51 21.39
N SER A 426 -3.54 -18.60 22.25
CA SER A 426 -3.67 -19.76 23.14
C SER A 426 -5.10 -20.21 23.35
N ASN A 427 -6.05 -19.57 22.68
CA ASN A 427 -7.46 -19.94 22.84
C ASN A 427 -7.94 -19.68 24.27
N GLY A 428 -7.29 -18.73 24.95
CA GLY A 428 -7.70 -18.39 26.30
C GLY A 428 -8.89 -17.45 26.26
N SER A 429 -9.63 -17.36 27.36
CA SER A 429 -10.81 -16.49 27.41
C SER A 429 -10.43 -15.02 27.27
N ASN A 430 -9.20 -14.69 27.64
CA ASN A 430 -8.71 -13.31 27.55
C ASN A 430 -8.22 -13.02 26.13
N GLN A 431 -8.56 -13.92 25.21
CA GLN A 431 -8.18 -13.81 23.81
C GLN A 431 -9.36 -14.09 22.89
N ARG A 432 -10.54 -14.24 23.48
CA ARG A 432 -11.73 -14.50 22.68
C ARG A 432 -12.66 -13.31 22.79
N TRP A 433 -13.21 -12.91 21.66
CA TRP A 433 -14.09 -11.76 21.63
C TRP A 433 -15.38 -12.05 20.89
N THR A 434 -16.41 -11.27 21.20
CA THR A 434 -17.70 -11.41 20.57
C THR A 434 -18.21 -10.03 20.14
N ARG A 435 -18.55 -9.90 18.87
CA ARG A 435 -19.05 -8.63 18.36
C ARG A 435 -20.53 -8.48 18.66
N THR A 436 -20.90 -7.31 19.19
CA THR A 436 -22.29 -7.03 19.51
C THR A 436 -22.77 -5.79 18.76
N ALA B 1 6.38 33.10 -3.62
CA ALA B 1 5.21 32.38 -4.18
C ALA B 1 4.50 31.59 -3.09
N GLU B 2 3.61 30.69 -3.50
CA GLU B 2 2.88 29.88 -2.55
C GLU B 2 2.39 28.61 -3.21
N SER B 3 3.03 28.24 -4.32
CA SER B 3 2.66 27.02 -5.03
C SER B 3 3.67 25.90 -4.79
N THR B 4 4.78 26.24 -4.14
CA THR B 4 5.81 25.26 -3.82
C THR B 4 6.13 25.35 -2.33
N LEU B 5 6.58 24.25 -1.74
CA LEU B 5 6.87 24.21 -0.31
C LEU B 5 7.91 25.25 0.12
N GLY B 6 9.04 25.28 -0.58
CA GLY B 6 10.09 26.23 -0.24
C GLY B 6 9.63 27.68 -0.28
N ALA B 7 8.96 28.06 -1.36
CA ALA B 7 8.46 29.41 -1.54
C ALA B 7 7.41 29.75 -0.48
N ALA B 8 6.58 28.78 -0.13
CA ALA B 8 5.54 29.02 0.88
C ALA B 8 6.20 29.24 2.24
N ALA B 9 7.20 28.43 2.56
CA ALA B 9 7.90 28.55 3.83
C ALA B 9 8.63 29.89 3.92
N ALA B 10 9.14 30.37 2.78
CA ALA B 10 9.86 31.64 2.75
C ALA B 10 8.95 32.80 3.14
N GLN B 11 7.64 32.63 2.95
CA GLN B 11 6.68 33.68 3.30
C GLN B 11 6.67 33.97 4.79
N SER B 12 7.30 33.11 5.58
CA SER B 12 7.38 33.32 7.03
C SER B 12 8.83 33.31 7.48
N GLY B 13 9.73 33.53 6.53
CA GLY B 13 11.15 33.58 6.83
C GLY B 13 11.77 32.23 7.10
N ARG B 14 11.08 31.15 6.76
CA ARG B 14 11.62 29.82 7.01
C ARG B 14 11.98 29.07 5.73
N TYR B 15 12.52 27.87 5.89
CA TYR B 15 12.88 27.08 4.72
C TYR B 15 12.19 25.75 4.81
N PHE B 16 12.15 25.05 3.69
CA PHE B 16 11.59 23.72 3.66
C PHE B 16 12.56 22.93 2.80
N GLY B 17 13.24 21.97 3.42
CA GLY B 17 14.23 21.21 2.68
C GLY B 17 14.01 19.72 2.61
N THR B 18 14.97 19.04 2.01
CA THR B 18 14.91 17.60 1.86
C THR B 18 16.32 17.04 1.92
N ALA B 19 16.44 15.73 1.97
CA ALA B 19 17.73 15.07 1.99
C ALA B 19 17.96 14.66 0.53
N ILE B 20 19.17 14.88 0.05
CA ILE B 20 19.52 14.55 -1.33
C ILE B 20 20.57 13.44 -1.42
N ALA B 21 20.34 12.47 -2.29
CA ALA B 21 21.27 11.37 -2.52
C ALA B 21 21.94 11.64 -3.86
N SER B 22 23.26 11.78 -3.85
CA SER B 22 24.01 12.05 -5.06
C SER B 22 23.79 11.02 -6.17
N GLY B 23 23.57 9.77 -5.78
CA GLY B 23 23.37 8.72 -6.77
C GLY B 23 22.06 8.81 -7.53
N LYS B 24 21.16 9.68 -7.06
CA LYS B 24 19.86 9.84 -7.71
C LYS B 24 19.74 11.13 -8.51
N LEU B 25 20.82 11.92 -8.52
CA LEU B 25 20.80 13.19 -9.25
C LEU B 25 20.74 13.01 -10.76
N GLY B 26 20.98 11.80 -11.25
CA GLY B 26 20.92 11.55 -12.68
C GLY B 26 19.51 11.18 -13.12
N ASP B 27 18.60 11.09 -12.15
CA ASP B 27 17.20 10.73 -12.39
C ASP B 27 16.39 12.03 -12.50
N SER B 28 16.04 12.43 -13.73
CA SER B 28 15.30 13.68 -13.94
C SER B 28 13.96 13.75 -13.21
N ALA B 29 13.34 12.61 -12.92
CA ALA B 29 12.07 12.62 -12.20
C ALA B 29 12.34 13.06 -10.76
N TYR B 30 13.49 12.65 -10.25
CA TYR B 30 13.92 12.97 -8.90
C TYR B 30 14.28 14.44 -8.77
N THR B 31 15.21 14.89 -9.62
CA THR B 31 15.68 16.28 -9.59
C THR B 31 14.60 17.30 -9.93
N THR B 32 13.69 16.96 -10.82
CA THR B 32 12.62 17.90 -11.19
C THR B 32 11.86 18.32 -9.93
N ILE B 33 11.45 17.34 -9.13
CA ILE B 33 10.73 17.60 -7.90
C ILE B 33 11.63 18.33 -6.90
N ALA B 34 12.79 17.75 -6.61
CA ALA B 34 13.72 18.32 -5.66
C ALA B 34 14.09 19.79 -5.93
N SER B 35 14.51 20.11 -7.15
CA SER B 35 14.89 21.50 -7.42
C SER B 35 13.71 22.46 -7.29
N ARG B 36 12.53 22.02 -7.68
CA ARG B 36 11.34 22.85 -7.62
C ARG B 36 10.74 23.13 -6.24
N GLU B 37 10.61 22.09 -5.42
CA GLU B 37 9.98 22.21 -4.12
C GLU B 37 10.76 22.63 -2.89
N PHE B 38 12.08 22.44 -2.90
CA PHE B 38 12.88 22.74 -1.71
C PHE B 38 13.92 23.83 -1.88
N ASN B 39 14.16 24.58 -0.80
CA ASN B 39 15.18 25.63 -0.83
C ASN B 39 16.28 25.40 0.20
N MET B 40 16.35 24.16 0.71
CA MET B 40 17.38 23.77 1.68
C MET B 40 17.69 22.30 1.41
N VAL B 41 18.97 21.96 1.48
CA VAL B 41 19.43 20.61 1.19
C VAL B 41 20.36 20.00 2.24
N THR B 42 20.19 18.70 2.50
CA THR B 42 21.06 17.97 3.41
C THR B 42 21.53 16.75 2.61
N ALA B 43 22.83 16.47 2.64
CA ALA B 43 23.35 15.32 1.92
C ALA B 43 22.95 14.12 2.78
N GLU B 44 22.30 13.13 2.17
CA GLU B 44 21.85 12.00 2.96
C GLU B 44 22.98 11.15 3.56
N ASN B 45 24.10 11.02 2.84
CA ASN B 45 25.24 10.23 3.32
C ASN B 45 26.60 10.79 2.92
N GLU B 46 26.62 11.65 1.90
CA GLU B 46 27.86 12.19 1.37
C GLU B 46 28.77 13.01 2.27
N MET B 47 28.25 13.54 3.37
CA MET B 47 29.10 14.34 4.26
C MET B 47 29.36 13.67 5.60
N LYS B 48 29.04 12.38 5.68
CA LYS B 48 29.27 11.63 6.92
C LYS B 48 30.77 11.35 7.06
N ILE B 49 31.17 10.85 8.21
CA ILE B 49 32.59 10.62 8.47
C ILE B 49 33.28 9.63 7.53
N ASP B 50 32.65 8.50 7.25
CA ASP B 50 33.26 7.50 6.38
C ASP B 50 33.40 7.97 4.93
N ALA B 51 32.50 8.86 4.50
CA ALA B 51 32.52 9.36 3.13
C ALA B 51 33.52 10.50 2.92
N THR B 52 33.79 11.29 3.96
CA THR B 52 34.71 12.42 3.85
C THR B 52 36.14 12.16 4.29
N GLU B 53 36.37 11.11 5.08
CA GLU B 53 37.73 10.78 5.51
C GLU B 53 37.89 9.27 5.54
N PRO B 54 37.94 8.65 4.34
CA PRO B 54 38.10 7.20 4.11
C PRO B 54 39.31 6.61 4.80
N GLN B 55 40.39 7.36 4.83
CA GLN B 55 41.61 6.94 5.49
C GLN B 55 42.03 8.11 6.38
N ARG B 56 42.66 7.80 7.51
CA ARG B 56 43.05 8.85 8.44
C ARG B 56 43.91 9.96 7.82
N GLY B 57 43.41 11.18 7.89
CA GLY B 57 44.15 12.31 7.34
C GLY B 57 43.99 12.48 5.84
N GLN B 58 43.27 11.55 5.22
CA GLN B 58 43.04 11.61 3.77
C GLN B 58 41.58 11.92 3.50
N PHE B 59 41.30 13.20 3.26
CA PHE B 59 39.94 13.65 3.01
C PHE B 59 39.50 13.49 1.55
N ASN B 60 38.22 13.19 1.36
CA ASN B 60 37.65 13.00 0.03
C ASN B 60 36.29 13.70 0.00
N PHE B 61 36.18 14.77 -0.77
CA PHE B 61 34.93 15.51 -0.83
C PHE B 61 34.21 15.38 -2.17
N SER B 62 34.58 14.39 -2.96
CA SER B 62 33.95 14.21 -4.27
C SER B 62 32.44 13.97 -4.21
N ALA B 63 32.00 13.08 -3.33
CA ALA B 63 30.57 12.80 -3.21
C ALA B 63 29.83 13.99 -2.59
N GLY B 64 30.43 14.57 -1.55
CA GLY B 64 29.80 15.70 -0.89
C GLY B 64 29.68 16.91 -1.81
N ASP B 65 30.73 17.16 -2.59
CA ASP B 65 30.72 18.29 -3.51
C ASP B 65 29.67 18.17 -4.61
N ARG B 66 29.36 16.95 -5.05
CA ARG B 66 28.34 16.78 -6.09
C ARG B 66 27.00 17.27 -5.55
N VAL B 67 26.74 16.96 -4.28
CA VAL B 67 25.50 17.38 -3.65
C VAL B 67 25.53 18.89 -3.45
N TYR B 68 26.63 19.40 -2.95
CA TYR B 68 26.77 20.84 -2.73
C TYR B 68 26.63 21.66 -4.02
N ASN B 69 27.34 21.26 -5.07
CA ASN B 69 27.27 21.98 -6.34
C ASN B 69 25.84 22.04 -6.87
N TRP B 70 25.15 20.90 -6.80
CA TRP B 70 23.78 20.83 -7.26
C TRP B 70 22.91 21.80 -6.46
N ALA B 71 23.07 21.80 -5.14
CA ALA B 71 22.29 22.67 -4.27
C ALA B 71 22.45 24.14 -4.66
N VAL B 72 23.69 24.63 -4.69
CA VAL B 72 23.92 26.03 -5.03
C VAL B 72 23.52 26.40 -6.47
N GLN B 73 23.72 25.48 -7.40
CA GLN B 73 23.35 25.74 -8.78
C GLN B 73 21.83 25.92 -8.85
N ASN B 74 21.11 25.25 -7.97
CA ASN B 74 19.65 25.33 -7.96
C ASN B 74 19.07 26.25 -6.88
N GLY B 75 19.90 27.18 -6.40
CA GLY B 75 19.47 28.15 -5.41
C GLY B 75 19.09 27.67 -4.02
N LYS B 76 19.70 26.59 -3.55
CA LYS B 76 19.40 26.10 -2.20
C LYS B 76 20.56 26.31 -1.24
N GLN B 77 20.24 26.34 0.05
CA GLN B 77 21.27 26.45 1.06
C GLN B 77 21.54 25.02 1.51
N VAL B 78 22.60 24.81 2.27
CA VAL B 78 22.96 23.45 2.70
C VAL B 78 23.20 23.25 4.19
N ARG B 79 22.71 22.12 4.72
CA ARG B 79 22.94 21.75 6.11
C ARG B 79 24.00 20.67 6.04
N GLY B 80 25.07 20.80 6.82
CA GLY B 80 26.11 19.79 6.82
C GLY B 80 25.76 18.70 7.81
N HIS B 81 25.84 17.44 7.36
CA HIS B 81 25.48 16.30 8.20
C HIS B 81 26.46 15.17 7.89
N THR B 82 27.26 14.70 8.86
CA THR B 82 27.32 15.19 10.24
C THR B 82 28.80 15.00 10.65
N LEU B 83 29.31 15.82 11.56
CA LEU B 83 30.73 15.75 11.93
C LEU B 83 31.24 14.73 12.96
N ALA B 84 30.47 14.46 14.00
CA ALA B 84 30.89 13.50 15.03
C ALA B 84 29.68 12.62 15.34
N TRP B 85 29.88 11.31 15.26
CA TRP B 85 28.78 10.37 15.44
C TRP B 85 29.35 8.98 15.70
N HIS B 86 28.66 8.20 16.53
CA HIS B 86 29.10 6.84 16.84
C HIS B 86 28.85 5.89 15.68
N SER B 87 27.93 6.26 14.79
CA SER B 87 27.57 5.40 13.68
C SER B 87 28.25 5.77 12.35
N GLN B 88 28.28 4.80 11.45
CA GLN B 88 28.90 4.97 10.12
C GLN B 88 30.31 5.55 10.16
N GLN B 89 31.12 5.06 11.09
CA GLN B 89 32.51 5.51 11.20
C GLN B 89 33.34 4.64 10.27
N PRO B 90 34.34 5.23 9.60
CA PRO B 90 35.15 4.40 8.71
C PRO B 90 35.94 3.40 9.56
N GLY B 91 36.35 2.29 8.96
CA GLY B 91 37.09 1.27 9.67
C GLY B 91 38.23 1.73 10.55
N TRP B 92 39.11 2.57 10.03
CA TRP B 92 40.25 3.05 10.81
C TRP B 92 39.86 3.77 12.09
N MET B 93 38.74 4.49 12.07
CA MET B 93 38.31 5.23 13.27
C MET B 93 37.66 4.32 14.31
N GLN B 94 36.98 3.27 13.85
CA GLN B 94 36.35 2.33 14.77
C GLN B 94 37.40 1.63 15.66
N SER B 95 38.63 1.57 15.15
CA SER B 95 39.73 0.94 15.87
C SER B 95 40.41 1.84 16.89
N LEU B 96 40.00 3.10 16.95
CA LEU B 96 40.62 4.07 17.85
C LEU B 96 39.88 4.24 19.17
N SER B 97 40.63 4.57 20.22
CA SER B 97 40.05 4.81 21.53
C SER B 97 40.93 5.80 22.27
N GLY B 98 40.43 6.32 23.39
CA GLY B 98 41.21 7.26 24.18
C GLY B 98 41.59 8.55 23.50
N SER B 99 42.75 9.08 23.89
CA SER B 99 43.24 10.35 23.35
C SER B 99 43.47 10.30 21.84
N THR B 100 43.79 9.13 21.31
CA THR B 100 44.02 8.97 19.88
C THR B 100 42.74 9.23 19.08
N LEU B 101 41.62 8.74 19.60
CA LEU B 101 40.32 8.92 18.97
C LEU B 101 39.91 10.39 19.10
N ARG B 102 40.13 10.96 20.29
CA ARG B 102 39.78 12.34 20.55
C ARG B 102 40.44 13.29 19.56
N GLN B 103 41.73 13.09 19.33
CA GLN B 103 42.44 13.95 18.40
C GLN B 103 41.96 13.71 16.97
N ALA B 104 41.66 12.46 16.63
CA ALA B 104 41.18 12.15 15.28
C ALA B 104 39.83 12.85 15.07
N MET B 105 39.02 12.90 16.11
CA MET B 105 37.71 13.55 16.01
C MET B 105 37.94 15.03 15.69
N ILE B 106 38.86 15.65 16.42
CA ILE B 106 39.17 17.07 16.22
C ILE B 106 39.70 17.29 14.81
N ASP B 107 40.63 16.46 14.36
CA ASP B 107 41.20 16.59 13.02
C ASP B 107 40.13 16.45 11.94
N HIS B 108 39.18 15.56 12.17
CA HIS B 108 38.11 15.35 11.19
C HIS B 108 37.25 16.60 11.04
N ILE B 109 36.91 17.21 12.18
CA ILE B 109 36.10 18.43 12.18
C ILE B 109 36.82 19.55 11.43
N ASN B 110 38.10 19.75 11.75
CA ASN B 110 38.87 20.80 11.09
C ASN B 110 38.97 20.56 9.59
N GLY B 111 39.18 19.30 9.21
CA GLY B 111 39.32 18.97 7.80
C GLY B 111 38.07 19.20 6.97
N VAL B 112 36.93 18.70 7.46
CA VAL B 112 35.67 18.86 6.72
C VAL B 112 35.16 20.30 6.72
N MET B 113 35.22 20.98 7.87
CA MET B 113 34.75 22.35 7.92
C MET B 113 35.66 23.32 7.17
N GLY B 114 36.95 22.99 7.10
CA GLY B 114 37.88 23.84 6.38
C GLY B 114 37.50 23.85 4.90
N HIS B 115 37.18 22.69 4.36
CA HIS B 115 36.79 22.56 2.96
C HIS B 115 35.53 23.34 2.61
N TYR B 116 34.54 23.30 3.51
CA TYR B 116 33.26 23.98 3.30
C TYR B 116 33.13 25.30 4.06
N LYS B 117 34.25 25.82 4.54
CA LYS B 117 34.24 27.06 5.30
C LYS B 117 33.45 28.18 4.63
N GLY B 118 32.47 28.71 5.35
CA GLY B 118 31.66 29.79 4.81
C GLY B 118 30.62 29.38 3.79
N LYS B 119 30.53 28.10 3.48
CA LYS B 119 29.57 27.61 2.48
C LYS B 119 28.35 26.88 3.06
N ILE B 120 28.41 26.54 4.34
CA ILE B 120 27.32 25.80 4.99
C ILE B 120 26.51 26.64 5.98
N ALA B 121 25.19 26.56 5.89
CA ALA B 121 24.32 27.33 6.77
C ALA B 121 24.27 26.76 8.18
N GLN B 122 24.10 25.44 8.27
CA GLN B 122 24.03 24.76 9.55
C GLN B 122 24.84 23.47 9.51
N TRP B 123 25.46 23.12 10.64
CA TRP B 123 26.20 21.87 10.73
C TRP B 123 25.66 21.05 11.90
N ASP B 124 25.41 19.77 11.67
CA ASP B 124 25.00 18.90 12.77
C ASP B 124 26.39 18.48 13.27
N VAL B 125 26.92 19.20 14.25
CA VAL B 125 28.25 18.89 14.77
C VAL B 125 28.29 17.53 15.48
N VAL B 126 27.39 17.33 16.42
CA VAL B 126 27.32 16.05 17.12
C VAL B 126 25.94 15.48 16.84
N ASN B 127 25.91 14.17 16.60
CA ASN B 127 24.66 13.52 16.27
C ASN B 127 24.39 12.33 17.18
N GLU B 128 23.17 12.23 17.70
CA GLU B 128 22.74 11.11 18.53
C GLU B 128 23.68 10.68 19.66
N ALA B 129 24.00 11.58 20.57
CA ALA B 129 24.88 11.26 21.67
C ALA B 129 24.15 10.71 22.91
N PHE B 130 22.83 10.80 22.92
CA PHE B 130 22.07 10.31 24.06
C PHE B 130 21.45 8.92 23.92
N SER B 131 21.37 8.22 25.03
CA SER B 131 20.85 6.86 25.07
C SER B 131 19.33 6.75 24.98
N ASP B 132 18.86 5.58 24.55
CA ASP B 132 17.43 5.32 24.44
C ASP B 132 16.95 4.40 25.55
N ASP B 133 17.81 4.08 26.51
CA ASP B 133 17.46 3.17 27.59
C ASP B 133 16.53 3.75 28.66
N GLY B 134 16.09 4.99 28.46
CA GLY B 134 15.20 5.62 29.42
C GLY B 134 15.85 6.32 30.60
N SER B 135 17.18 6.32 30.65
CA SER B 135 17.89 6.95 31.75
C SER B 135 18.15 8.43 31.48
N GLY B 136 18.06 8.84 30.22
CA GLY B 136 18.31 10.22 29.89
C GLY B 136 19.80 10.53 29.90
N GLY B 137 20.61 9.48 29.98
CA GLY B 137 22.05 9.67 30.00
C GLY B 137 22.72 9.51 28.64
N ARG B 138 24.04 9.64 28.64
CA ARG B 138 24.84 9.53 27.42
C ARG B 138 24.86 8.11 26.86
N ARG B 139 24.91 8.02 25.53
CA ARG B 139 24.98 6.74 24.84
C ARG B 139 26.42 6.27 24.99
N ASP B 140 26.62 4.97 25.18
CA ASP B 140 27.97 4.43 25.32
C ASP B 140 28.55 4.16 23.92
N SER B 141 29.65 4.84 23.61
CA SER B 141 30.30 4.68 22.31
C SER B 141 31.77 4.97 22.51
N ASN B 142 32.58 4.75 21.49
CA ASN B 142 34.01 5.03 21.62
C ASN B 142 34.24 6.51 21.91
N LEU B 143 33.41 7.37 21.34
CA LEU B 143 33.53 8.82 21.54
C LEU B 143 33.26 9.20 22.99
N GLN B 144 32.15 8.69 23.55
CA GLN B 144 31.79 8.97 24.93
C GLN B 144 32.87 8.46 25.89
N ARG B 145 33.55 7.37 25.52
CA ARG B 145 34.59 6.82 26.38
C ARG B 145 35.88 7.64 26.41
N THR B 146 36.01 8.62 25.53
CA THR B 146 37.21 9.46 25.54
C THR B 146 37.06 10.49 26.64
N GLY B 147 35.82 10.69 27.09
CA GLY B 147 35.56 11.66 28.14
C GLY B 147 34.23 12.35 27.92
N ASN B 148 33.55 12.65 29.01
CA ASN B 148 32.24 13.30 28.95
C ASN B 148 32.27 14.64 28.22
N ASP B 149 33.44 15.27 28.19
CA ASP B 149 33.60 16.58 27.56
C ASP B 149 33.76 16.53 26.04
N TRP B 150 33.64 15.34 25.44
CA TRP B 150 33.82 15.22 23.99
C TRP B 150 32.87 16.08 23.17
N ILE B 151 31.62 16.17 23.61
CA ILE B 151 30.63 16.96 22.86
C ILE B 151 31.01 18.44 22.89
N GLU B 152 31.38 18.93 24.07
CA GLU B 152 31.80 20.32 24.24
C GLU B 152 32.99 20.63 23.34
N VAL B 153 33.98 19.73 23.35
CA VAL B 153 35.18 19.89 22.54
C VAL B 153 34.84 19.95 21.05
N ALA B 154 33.91 19.12 20.60
CA ALA B 154 33.51 19.12 19.20
C ALA B 154 32.97 20.49 18.82
N PHE B 155 32.10 21.05 19.66
CA PHE B 155 31.51 22.35 19.38
C PHE B 155 32.53 23.49 19.40
N ARG B 156 33.41 23.51 20.40
CA ARG B 156 34.41 24.56 20.46
C ARG B 156 35.30 24.48 19.21
N THR B 157 35.65 23.26 18.83
CA THR B 157 36.48 23.04 17.65
C THR B 157 35.78 23.55 16.40
N ALA B 158 34.49 23.24 16.27
CA ALA B 158 33.72 23.66 15.11
C ALA B 158 33.61 25.18 14.98
N ARG B 159 33.35 25.86 16.10
CA ARG B 159 33.23 27.31 16.08
C ARG B 159 34.50 27.98 15.57
N ALA B 160 35.65 27.43 15.93
CA ALA B 160 36.93 27.99 15.50
C ALA B 160 37.18 27.72 14.01
N ALA B 161 36.76 26.55 13.54
CA ALA B 161 36.95 26.18 12.13
C ALA B 161 36.14 27.06 11.18
N ASP B 162 34.87 27.28 11.51
CA ASP B 162 34.01 28.11 10.67
C ASP B 162 33.02 28.85 11.55
N PRO B 163 33.38 30.07 11.98
CA PRO B 163 32.49 30.86 12.83
C PRO B 163 31.24 31.38 12.13
N ALA B 164 31.13 31.15 10.82
CA ALA B 164 29.98 31.64 10.06
C ALA B 164 28.80 30.68 10.08
N ALA B 165 29.06 29.41 10.42
CA ALA B 165 28.00 28.40 10.44
C ALA B 165 27.30 28.26 11.78
N LYS B 166 26.00 27.95 11.73
CA LYS B 166 25.21 27.73 12.94
C LYS B 166 25.57 26.31 13.38
N LEU B 167 25.91 26.13 14.65
CA LEU B 167 26.29 24.80 15.14
C LEU B 167 25.14 24.14 15.89
N CYS B 168 24.67 23.01 15.36
CA CYS B 168 23.56 22.28 15.97
C CYS B 168 23.94 20.94 16.58
N TYR B 169 23.14 20.54 17.56
CA TYR B 169 23.24 19.22 18.17
C TYR B 169 22.01 18.56 17.52
N ASN B 170 22.12 17.31 17.09
CA ASN B 170 21.00 16.65 16.41
C ASN B 170 20.71 15.29 17.04
N ASP B 171 19.43 14.96 17.24
CA ASP B 171 19.05 13.67 17.83
C ASP B 171 17.59 13.31 17.51
N TYR B 172 17.21 12.07 17.80
CA TYR B 172 15.85 11.60 17.58
C TYR B 172 15.23 11.22 18.92
N ASN B 173 13.90 11.06 18.94
CA ASN B 173 13.17 10.72 20.16
C ASN B 173 13.40 11.74 21.26
N ILE B 174 13.48 13.02 20.88
CA ILE B 174 13.65 14.11 21.83
C ILE B 174 12.56 15.15 21.54
N GLU B 175 11.50 14.72 20.88
CA GLU B 175 10.39 15.59 20.52
C GLU B 175 9.31 15.67 21.61
N ASN B 176 9.06 14.54 22.28
CA ASN B 176 8.05 14.49 23.35
C ASN B 176 8.70 15.01 24.62
N TRP B 177 8.15 16.08 25.18
CA TRP B 177 8.72 16.68 26.37
C TRP B 177 8.86 15.74 27.57
N THR B 178 7.96 14.79 27.72
CA THR B 178 7.99 13.88 28.87
C THR B 178 9.08 12.81 28.85
N TRP B 179 9.72 12.56 27.71
CA TRP B 179 10.76 11.54 27.66
C TRP B 179 12.03 11.99 28.38
N ALA B 180 12.68 11.04 29.06
CA ALA B 180 13.91 11.33 29.79
C ALA B 180 15.01 11.80 28.85
N LYS B 181 15.01 11.27 27.63
CA LYS B 181 16.03 11.65 26.64
C LYS B 181 15.92 13.13 26.31
N THR B 182 14.68 13.58 26.07
CA THR B 182 14.42 14.97 25.73
C THR B 182 14.97 15.88 26.82
N GLN B 183 14.68 15.53 28.07
CA GLN B 183 15.14 16.34 29.19
C GLN B 183 16.64 16.25 29.42
N GLY B 184 17.23 15.11 29.09
CA GLY B 184 18.67 14.99 29.23
C GLY B 184 19.35 15.93 28.26
N VAL B 185 18.80 16.05 27.05
CA VAL B 185 19.38 16.94 26.05
C VAL B 185 19.16 18.40 26.46
N TYR B 186 17.98 18.68 27.01
CA TYR B 186 17.67 20.05 27.46
C TYR B 186 18.70 20.52 28.48
N ASN B 187 18.97 19.68 29.48
CA ASN B 187 19.93 20.03 30.53
C ASN B 187 21.33 20.25 29.99
N MET B 188 21.71 19.47 28.97
CA MET B 188 23.03 19.62 28.39
C MET B 188 23.14 20.98 27.72
N VAL B 189 22.13 21.33 26.94
CA VAL B 189 22.11 22.61 26.25
C VAL B 189 22.11 23.75 27.27
N ARG B 190 21.33 23.61 28.33
CA ARG B 190 21.28 24.64 29.35
C ARG B 190 22.68 24.86 29.93
N ASP B 191 23.35 23.76 30.25
CA ASP B 191 24.71 23.80 30.80
C ASP B 191 25.67 24.49 29.84
N PHE B 192 25.58 24.12 28.56
CA PHE B 192 26.43 24.70 27.54
C PHE B 192 26.25 26.22 27.44
N LYS B 193 25.00 26.67 27.44
CA LYS B 193 24.72 28.10 27.34
C LYS B 193 25.22 28.88 28.54
N GLN B 194 25.17 28.29 29.73
CA GLN B 194 25.61 28.98 30.93
C GLN B 194 27.13 29.04 31.03
N ARG B 195 27.82 28.03 30.49
CA ARG B 195 29.28 28.01 30.54
C ARG B 195 29.91 28.59 29.28
N GLY B 196 29.07 29.10 28.38
CA GLY B 196 29.58 29.69 27.16
C GLY B 196 30.05 28.74 26.08
N VAL B 197 29.63 27.47 26.12
CA VAL B 197 30.03 26.54 25.07
C VAL B 197 29.27 26.96 23.82
N PRO B 198 29.97 27.11 22.68
CA PRO B 198 29.24 27.51 21.48
C PRO B 198 28.32 26.47 20.86
N ILE B 199 27.02 26.74 20.93
CA ILE B 199 26.00 25.89 20.34
C ILE B 199 24.90 26.87 19.93
N ASP B 200 24.48 26.80 18.66
CA ASP B 200 23.47 27.73 18.14
C ASP B 200 22.10 27.14 17.90
N CYS B 201 22.03 25.82 17.73
CA CYS B 201 20.76 25.18 17.44
C CYS B 201 20.64 23.74 17.90
N VAL B 202 19.41 23.29 17.97
CA VAL B 202 19.13 21.91 18.33
C VAL B 202 18.22 21.36 17.23
N GLY B 203 18.64 20.27 16.61
CA GLY B 203 17.85 19.66 15.55
C GLY B 203 17.05 18.48 16.08
N PHE B 204 15.76 18.50 15.80
CA PHE B 204 14.87 17.41 16.21
C PHE B 204 14.62 16.61 14.94
N GLN B 205 15.24 15.43 14.86
CA GLN B 205 15.09 14.60 13.68
C GLN B 205 13.63 14.40 13.28
N SER B 206 12.78 14.17 14.27
CA SER B 206 11.35 14.00 14.04
C SER B 206 10.93 12.80 13.19
N HIS B 207 11.46 11.62 13.51
CA HIS B 207 11.07 10.40 12.81
C HIS B 207 9.91 9.84 13.62
N PHE B 208 8.70 10.12 13.16
CA PHE B 208 7.49 9.66 13.86
C PHE B 208 6.87 8.40 13.26
N ASN B 209 6.35 7.53 14.13
CA ASN B 209 5.69 6.30 13.74
C ASN B 209 4.86 5.77 14.92
N SER B 210 4.28 4.58 14.76
CA SER B 210 3.45 3.97 15.81
C SER B 210 4.15 3.79 17.14
N GLY B 211 5.42 3.43 17.10
CA GLY B 211 6.17 3.21 18.31
C GLY B 211 6.65 4.50 18.96
N SER B 212 6.74 5.56 18.17
CA SER B 212 7.19 6.85 18.67
C SER B 212 6.37 7.92 17.96
N PRO B 213 5.08 8.02 18.29
CA PRO B 213 4.15 8.98 17.68
C PRO B 213 4.34 10.45 18.01
N TYR B 214 3.90 11.28 17.09
CA TYR B 214 3.97 12.72 17.28
C TYR B 214 3.05 13.02 18.47
N ASN B 215 3.43 13.99 19.28
CA ASN B 215 2.61 14.38 20.42
C ASN B 215 2.51 15.90 20.38
N SER B 216 1.34 16.44 20.67
CA SER B 216 1.16 17.88 20.62
C SER B 216 2.07 18.67 21.56
N ASN B 217 2.60 18.03 22.61
CA ASN B 217 3.49 18.76 23.51
C ASN B 217 4.83 19.07 22.84
N PHE B 218 4.98 18.64 21.59
CA PHE B 218 6.20 18.92 20.84
C PHE B 218 6.40 20.43 20.77
N ARG B 219 5.29 21.17 20.69
CA ARG B 219 5.38 22.62 20.62
C ARG B 219 5.97 23.19 21.91
N THR B 220 5.65 22.60 23.07
CA THR B 220 6.21 23.13 24.30
C THR B 220 7.69 22.76 24.35
N THR B 221 8.05 21.60 23.80
CA THR B 221 9.45 21.17 23.74
C THR B 221 10.24 22.20 22.95
N LEU B 222 9.69 22.60 21.80
CA LEU B 222 10.36 23.57 20.96
C LEU B 222 10.51 24.92 21.69
N GLN B 223 9.45 25.34 22.36
CA GLN B 223 9.50 26.61 23.09
C GLN B 223 10.54 26.55 24.20
N ASN B 224 10.56 25.45 24.94
CA ASN B 224 11.51 25.31 26.02
C ASN B 224 12.96 25.43 25.57
N PHE B 225 13.33 24.76 24.48
CA PHE B 225 14.71 24.86 24.01
C PHE B 225 14.95 26.28 23.49
N ALA B 226 13.98 26.83 22.77
CA ALA B 226 14.13 28.19 22.24
C ALA B 226 14.38 29.20 23.37
N ALA B 227 13.73 28.99 24.50
CA ALA B 227 13.91 29.88 25.65
C ALA B 227 15.35 29.90 26.15
N LEU B 228 16.11 28.86 25.81
CA LEU B 228 17.50 28.79 26.23
C LEU B 228 18.40 29.67 25.36
N GLY B 229 17.82 30.26 24.32
CA GLY B 229 18.59 31.11 23.45
C GLY B 229 19.26 30.38 22.29
N VAL B 230 18.64 29.30 21.81
CA VAL B 230 19.16 28.56 20.66
C VAL B 230 18.03 28.45 19.65
N ASP B 231 18.36 28.37 18.36
CA ASP B 231 17.32 28.20 17.35
C ASP B 231 17.01 26.71 17.33
N VAL B 232 15.88 26.34 16.75
CA VAL B 232 15.51 24.94 16.68
C VAL B 232 15.09 24.61 15.24
N ALA B 233 15.24 23.35 14.85
CA ALA B 233 14.85 22.95 13.51
C ALA B 233 14.43 21.50 13.46
N ILE B 234 13.53 21.18 12.54
CA ILE B 234 13.05 19.83 12.33
C ILE B 234 13.98 19.39 11.20
N THR B 235 14.85 18.45 11.51
CA THR B 235 15.88 18.01 10.57
C THR B 235 15.71 16.78 9.68
N GLU B 236 14.95 15.79 10.12
CA GLU B 236 14.82 14.57 9.32
C GLU B 236 13.40 14.01 9.38
N LEU B 237 12.45 14.91 9.23
CA LEU B 237 11.05 14.57 9.30
C LEU B 237 10.50 13.54 8.31
N ASP B 238 9.78 12.58 8.86
CA ASP B 238 9.04 11.57 8.10
C ASP B 238 8.03 11.00 9.09
N ILE B 239 6.85 10.68 8.58
CA ILE B 239 5.77 10.20 9.42
C ILE B 239 5.18 8.94 8.83
N GLN B 240 5.27 7.85 9.58
CA GLN B 240 4.74 6.57 9.13
C GLN B 240 3.28 6.73 8.71
N GLY B 241 2.99 6.45 7.45
CA GLY B 241 1.62 6.57 6.96
C GLY B 241 1.34 7.92 6.35
N ALA B 242 2.18 8.91 6.67
CA ALA B 242 2.04 10.26 6.15
C ALA B 242 0.67 10.90 6.37
N SER B 243 0.15 10.79 7.59
CA SER B 243 -1.14 11.39 7.92
C SER B 243 -1.11 12.89 7.60
N SER B 244 -2.13 13.38 6.91
CA SER B 244 -2.22 14.79 6.56
C SER B 244 -2.29 15.67 7.80
N SER B 245 -3.05 15.23 8.80
CA SER B 245 -3.21 15.98 10.03
C SER B 245 -1.90 16.12 10.80
N THR B 246 -1.19 15.01 10.93
CA THR B 246 0.09 15.01 11.64
C THR B 246 1.12 15.88 10.92
N TYR B 247 1.17 15.76 9.59
CA TYR B 247 2.11 16.57 8.82
C TYR B 247 1.81 18.06 8.98
N ALA B 248 0.53 18.41 8.96
CA ALA B 248 0.11 19.80 9.12
C ALA B 248 0.38 20.26 10.56
N ALA B 249 0.16 19.36 11.52
CA ALA B 249 0.38 19.68 12.93
C ALA B 249 1.84 20.01 13.23
N VAL B 250 2.76 19.21 12.71
CA VAL B 250 4.18 19.44 12.91
C VAL B 250 4.58 20.77 12.28
N THR B 251 4.05 21.04 11.10
CA THR B 251 4.34 22.27 10.38
C THR B 251 3.88 23.47 11.21
N ASN B 252 2.67 23.41 11.73
CA ASN B 252 2.16 24.52 12.53
C ASN B 252 2.94 24.72 13.83
N ASP B 253 3.49 23.64 14.39
CA ASP B 253 4.29 23.77 15.61
C ASP B 253 5.52 24.63 15.34
N CYS B 254 6.15 24.43 14.19
CA CYS B 254 7.33 25.20 13.81
C CYS B 254 6.95 26.66 13.53
N LEU B 255 5.80 26.84 12.88
CA LEU B 255 5.31 28.19 12.56
C LEU B 255 4.93 29.00 13.80
N ALA B 256 4.61 28.30 14.89
CA ALA B 256 4.23 28.95 16.14
C ALA B 256 5.44 29.40 16.95
N VAL B 257 6.60 28.84 16.66
CA VAL B 257 7.83 29.19 17.38
C VAL B 257 8.74 30.06 16.52
N SER B 258 8.89 31.34 16.89
CA SER B 258 9.70 32.26 16.11
C SER B 258 11.12 31.77 15.84
N ARG B 259 11.67 30.98 16.77
CA ARG B 259 13.02 30.45 16.63
C ARG B 259 13.14 29.19 15.77
N CYS B 260 12.01 28.68 15.27
CA CYS B 260 12.07 27.48 14.44
C CYS B 260 12.49 27.92 13.03
N LEU B 261 13.71 27.57 12.64
CA LEU B 261 14.27 27.96 11.35
C LEU B 261 13.59 27.37 10.13
N GLY B 262 13.15 26.13 10.24
CA GLY B 262 12.51 25.51 9.09
C GLY B 262 12.35 24.03 9.28
N ILE B 263 11.90 23.38 8.21
CA ILE B 263 11.66 21.96 8.24
C ILE B 263 12.33 21.26 7.06
N THR B 264 12.91 20.10 7.35
CA THR B 264 13.54 19.30 6.32
C THR B 264 12.88 17.92 6.39
N VAL B 265 12.35 17.44 5.26
CA VAL B 265 11.76 16.10 5.25
C VAL B 265 12.90 15.19 4.80
N TRP B 266 12.97 13.99 5.36
CA TRP B 266 14.05 13.09 5.03
C TRP B 266 13.87 12.31 3.73
N GLY B 267 13.91 13.03 2.60
CA GLY B 267 13.76 12.39 1.31
C GLY B 267 12.73 13.05 0.42
N VAL B 268 12.76 12.69 -0.86
CA VAL B 268 11.83 13.24 -1.84
C VAL B 268 10.59 12.36 -2.00
N ARG B 269 10.75 11.20 -2.62
CA ARG B 269 9.63 10.28 -2.84
C ARG B 269 9.66 9.15 -1.81
N ASP B 270 8.51 8.52 -1.56
CA ASP B 270 8.45 7.42 -0.60
C ASP B 270 9.49 6.37 -0.95
N THR B 271 9.70 6.14 -2.24
CA THR B 271 10.65 5.14 -2.70
C THR B 271 12.10 5.52 -2.45
N ASP B 272 12.36 6.79 -2.13
CA ASP B 272 13.73 7.24 -1.85
C ASP B 272 13.99 7.14 -0.35
N SER B 273 12.93 6.89 0.42
CA SER B 273 13.02 6.83 1.87
C SER B 273 13.75 5.61 2.42
N TRP B 274 14.41 5.80 3.55
CA TRP B 274 15.13 4.71 4.21
C TRP B 274 14.07 3.80 4.85
N ARG B 275 12.83 4.28 4.86
CA ARG B 275 11.71 3.53 5.40
C ARG B 275 10.56 3.56 4.39
N SER B 276 10.87 3.21 3.14
CA SER B 276 9.87 3.21 2.08
C SER B 276 8.62 2.41 2.43
N GLY B 277 8.78 1.35 3.20
CA GLY B 277 7.63 0.54 3.57
C GLY B 277 6.58 1.32 4.34
N ASP B 278 6.99 2.43 4.98
CA ASP B 278 6.06 3.25 5.74
C ASP B 278 5.48 4.42 4.94
N THR B 279 5.79 4.50 3.64
CA THR B 279 5.31 5.58 2.76
C THR B 279 5.16 6.83 3.64
N PRO B 280 6.26 7.29 4.24
CA PRO B 280 6.29 8.44 5.13
C PRO B 280 6.58 9.82 4.58
N LEU B 281 6.69 9.95 3.26
CA LEU B 281 7.01 11.24 2.66
C LEU B 281 5.86 11.94 1.95
N LEU B 282 6.16 13.08 1.33
CA LEU B 282 5.15 13.90 0.65
C LEU B 282 4.85 13.60 -0.81
N PHE B 283 5.69 12.81 -1.46
CA PHE B 283 5.47 12.44 -2.86
C PHE B 283 5.53 10.91 -2.91
N ASN B 284 4.71 10.29 -3.75
CA ASN B 284 4.72 8.84 -3.84
C ASN B 284 5.78 8.40 -4.85
N GLY B 285 5.93 7.09 -5.01
CA GLY B 285 6.93 6.58 -5.93
C GLY B 285 6.83 7.11 -7.34
N ASP B 286 5.62 7.43 -7.79
CA ASP B 286 5.40 7.96 -9.13
C ASP B 286 5.77 9.44 -9.26
N GLY B 287 6.12 10.07 -8.16
CA GLY B 287 6.47 11.47 -8.21
C GLY B 287 5.26 12.38 -8.08
N SER B 288 4.13 11.80 -7.66
CA SER B 288 2.89 12.56 -7.50
C SER B 288 2.73 13.10 -6.08
N LYS B 289 2.19 14.31 -5.97
CA LYS B 289 1.96 14.92 -4.68
C LYS B 289 0.91 14.14 -3.92
N LYS B 290 1.19 13.80 -2.67
CA LYS B 290 0.23 13.06 -1.86
C LYS B 290 -0.68 14.03 -1.13
N ALA B 291 -1.71 13.50 -0.47
CA ALA B 291 -2.65 14.33 0.26
C ALA B 291 -1.93 15.16 1.32
N ALA B 292 -0.92 14.59 1.94
CA ALA B 292 -0.16 15.29 2.97
C ALA B 292 0.56 16.50 2.39
N TYR B 293 0.98 16.42 1.13
CA TYR B 293 1.66 17.54 0.50
C TYR B 293 0.78 18.79 0.58
N THR B 294 -0.47 18.64 0.18
CA THR B 294 -1.41 19.75 0.18
C THR B 294 -1.65 20.27 1.59
N ALA B 295 -1.69 19.37 2.56
CA ALA B 295 -1.90 19.75 3.96
C ALA B 295 -0.75 20.62 4.44
N VAL B 296 0.47 20.26 4.04
CA VAL B 296 1.64 21.04 4.45
C VAL B 296 1.66 22.41 3.76
N LEU B 297 1.44 22.41 2.46
CA LEU B 297 1.44 23.65 1.69
C LEU B 297 0.40 24.62 2.25
N ASN B 298 -0.78 24.10 2.57
CA ASN B 298 -1.84 24.96 3.10
C ASN B 298 -1.47 25.55 4.45
N ALA B 299 -0.80 24.77 5.30
CA ALA B 299 -0.40 25.27 6.60
C ALA B 299 0.65 26.37 6.43
N LEU B 300 1.62 26.14 5.55
CA LEU B 300 2.67 27.12 5.32
C LEU B 300 2.07 28.42 4.80
N ASN B 301 1.03 28.30 3.98
CA ASN B 301 0.36 29.46 3.42
C ASN B 301 -0.56 30.18 4.40
N GLY B 302 -0.64 29.68 5.63
CA GLY B 302 -1.46 30.33 6.64
C GLY B 302 -2.71 29.61 7.11
N GLY B 303 -3.24 28.72 6.28
CA GLY B 303 -4.44 27.99 6.65
C GLY B 303 -4.41 27.52 8.09
N GLY B 313 -19.45 15.49 5.72
CA GLY B 313 -20.07 16.73 5.18
C GLY B 313 -20.35 16.63 3.70
N GLN B 314 -20.92 17.70 3.14
CA GLN B 314 -21.26 17.73 1.72
C GLN B 314 -20.21 18.41 0.86
N ILE B 315 -20.25 18.12 -0.44
CA ILE B 315 -19.32 18.70 -1.40
C ILE B 315 -20.16 19.21 -2.57
N LYS B 316 -20.32 20.53 -2.66
CA LYS B 316 -21.12 21.12 -3.72
C LYS B 316 -20.33 21.92 -4.75
N GLY B 317 -20.67 21.71 -6.02
CA GLY B 317 -20.00 22.41 -7.09
C GLY B 317 -20.47 23.86 -7.14
N VAL B 318 -19.52 24.78 -7.25
CA VAL B 318 -19.86 26.20 -7.29
C VAL B 318 -20.60 26.58 -8.57
N GLY B 319 -20.11 26.08 -9.70
CA GLY B 319 -20.72 26.39 -10.98
C GLY B 319 -22.13 25.85 -11.19
N SER B 320 -22.61 25.02 -10.27
CA SER B 320 -23.96 24.46 -10.40
C SER B 320 -24.75 24.57 -9.12
N GLY B 321 -24.05 24.70 -8.00
CA GLY B 321 -24.72 24.80 -6.71
C GLY B 321 -25.27 23.47 -6.24
N ARG B 322 -24.97 22.40 -6.98
CA ARG B 322 -25.44 21.06 -6.61
C ARG B 322 -24.37 20.25 -5.86
N CYS B 323 -24.81 19.23 -5.13
CA CYS B 323 -23.91 18.39 -4.34
C CYS B 323 -23.49 17.08 -4.98
N LEU B 324 -22.28 16.64 -4.64
CA LEU B 324 -21.73 15.38 -5.15
C LEU B 324 -22.67 14.32 -4.60
N ASP B 325 -23.31 13.56 -5.48
CA ASP B 325 -24.30 12.58 -5.06
C ASP B 325 -24.18 11.17 -5.65
N VAL B 326 -24.47 10.18 -4.82
CA VAL B 326 -24.43 8.78 -5.24
C VAL B 326 -25.87 8.39 -5.60
N PRO B 327 -26.14 8.21 -6.90
CA PRO B 327 -27.46 7.86 -7.45
C PRO B 327 -28.26 6.81 -6.68
N ASN B 328 -29.50 7.17 -6.35
CA ASN B 328 -30.41 6.28 -5.64
C ASN B 328 -29.84 5.76 -4.33
N ALA B 329 -28.72 6.35 -3.89
CA ALA B 329 -28.07 5.94 -2.66
C ALA B 329 -27.67 4.47 -2.69
N SER B 330 -27.27 3.99 -3.87
CA SER B 330 -26.84 2.59 -3.98
C SER B 330 -25.44 2.44 -3.38
N THR B 331 -25.09 1.22 -3.03
CA THR B 331 -23.78 0.94 -2.46
C THR B 331 -23.03 -0.03 -3.34
N THR B 332 -23.47 -0.13 -4.59
CA THR B 332 -22.88 -1.04 -5.57
C THR B 332 -21.58 -0.48 -6.17
N ASP B 333 -20.53 -1.29 -6.17
CA ASP B 333 -19.26 -0.86 -6.74
C ASP B 333 -19.47 -0.55 -8.20
N GLY B 334 -18.83 0.51 -8.68
CA GLY B 334 -18.96 0.87 -10.08
C GLY B 334 -20.05 1.89 -10.33
N THR B 335 -20.73 2.34 -9.28
CA THR B 335 -21.77 3.34 -9.43
C THR B 335 -21.13 4.71 -9.62
N GLN B 336 -21.37 5.32 -10.77
CA GLN B 336 -20.81 6.63 -11.07
C GLN B 336 -21.54 7.71 -10.26
N VAL B 337 -20.79 8.67 -9.74
CA VAL B 337 -21.38 9.75 -8.97
C VAL B 337 -21.88 10.88 -9.86
N GLN B 338 -22.76 11.70 -9.31
CA GLN B 338 -23.37 12.80 -10.07
C GLN B 338 -23.65 14.02 -9.20
N LEU B 339 -24.14 15.07 -9.85
CA LEU B 339 -24.53 16.29 -9.14
C LEU B 339 -26.02 16.15 -8.86
N TYR B 340 -26.47 16.66 -7.73
CA TYR B 340 -27.89 16.56 -7.39
C TYR B 340 -28.28 17.51 -6.27
N ASP B 341 -29.53 17.93 -6.26
CA ASP B 341 -30.04 18.84 -5.23
C ASP B 341 -29.54 18.43 -3.85
N CYS B 342 -28.80 19.33 -3.22
CA CYS B 342 -28.24 19.08 -1.90
C CYS B 342 -29.31 18.83 -0.84
N HIS B 343 -29.11 17.78 -0.06
CA HIS B 343 -30.03 17.44 1.03
C HIS B 343 -29.33 16.46 1.95
N SER B 344 -29.34 16.75 3.24
CA SER B 344 -28.69 15.90 4.23
C SER B 344 -29.09 14.44 4.11
N ALA B 345 -28.33 13.69 3.33
CA ALA B 345 -28.57 12.26 3.12
C ALA B 345 -27.22 11.56 3.05
N THR B 346 -27.13 10.38 3.65
CA THR B 346 -25.90 9.61 3.66
C THR B 346 -25.20 9.57 2.31
N ASN B 347 -25.96 9.38 1.25
CA ASN B 347 -25.39 9.30 -0.09
C ASN B 347 -24.84 10.65 -0.58
N GLN B 348 -24.76 11.61 0.34
CA GLN B 348 -24.23 12.94 0.02
C GLN B 348 -23.27 13.42 1.09
N GLN B 349 -23.01 12.54 2.07
CA GLN B 349 -22.08 12.84 3.16
C GLN B 349 -20.72 12.24 2.81
N TRP B 350 -19.72 13.09 2.62
CA TRP B 350 -18.38 12.61 2.29
C TRP B 350 -17.37 12.97 3.37
N THR B 351 -16.59 11.98 3.78
CA THR B 351 -15.58 12.19 4.80
C THR B 351 -14.18 12.13 4.20
N TYR B 352 -13.40 13.19 4.43
CA TYR B 352 -12.04 13.25 3.91
C TYR B 352 -11.13 12.70 5.02
N THR B 353 -10.43 11.61 4.72
CA THR B 353 -9.55 10.99 5.71
C THR B 353 -8.12 11.46 5.63
N ASP B 354 -7.32 11.14 6.65
CA ASP B 354 -5.91 11.52 6.68
C ASP B 354 -5.13 10.96 5.50
N ALA B 355 -5.59 9.83 4.98
CA ALA B 355 -4.94 9.19 3.84
C ALA B 355 -5.32 9.90 2.54
N GLY B 356 -6.31 10.79 2.62
CA GLY B 356 -6.73 11.53 1.44
C GLY B 356 -7.88 10.90 0.68
N GLU B 357 -8.64 10.06 1.35
CA GLU B 357 -9.79 9.42 0.70
C GLU B 357 -11.05 10.25 0.96
N LEU B 358 -12.03 10.06 0.08
CA LEU B 358 -13.32 10.71 0.24
C LEU B 358 -14.26 9.53 0.40
N ARG B 359 -14.62 9.25 1.64
CA ARG B 359 -15.48 8.11 1.96
C ARG B 359 -16.96 8.42 2.05
N VAL B 360 -17.77 7.43 1.69
CA VAL B 360 -19.22 7.52 1.74
C VAL B 360 -19.72 6.16 2.26
N TYR B 361 -20.72 6.19 3.13
CA TYR B 361 -21.28 4.98 3.73
C TYR B 361 -20.28 4.36 4.69
N GLY B 362 -19.17 5.06 4.92
CA GLY B 362 -18.17 4.55 5.84
C GLY B 362 -17.05 3.70 5.27
N ASP B 363 -17.36 2.87 4.27
CA ASP B 363 -16.33 2.01 3.70
C ASP B 363 -16.25 2.01 2.18
N LYS B 364 -16.97 2.94 1.55
CA LYS B 364 -16.93 3.06 0.10
C LYS B 364 -16.09 4.29 -0.20
N CYS B 365 -15.32 4.24 -1.28
CA CYS B 365 -14.44 5.34 -1.64
C CYS B 365 -14.65 5.95 -3.03
N LEU B 366 -14.51 7.27 -3.10
CA LEU B 366 -14.63 7.95 -4.39
C LEU B 366 -13.49 7.30 -5.15
N ASP B 367 -13.80 6.71 -6.30
CA ASP B 367 -12.83 5.95 -7.06
C ASP B 367 -12.70 6.36 -8.53
N ALA B 368 -11.46 6.46 -8.99
CA ALA B 368 -11.18 6.82 -10.38
C ALA B 368 -10.81 5.53 -11.12
N ALA B 369 -11.62 5.16 -12.11
CA ALA B 369 -11.37 3.94 -12.87
C ALA B 369 -10.46 4.18 -14.07
N GLY B 370 -9.47 5.04 -13.90
CA GLY B 370 -8.54 5.32 -14.98
C GLY B 370 -7.72 6.56 -14.66
N THR B 371 -6.84 6.95 -15.58
CA THR B 371 -6.00 8.12 -15.36
C THR B 371 -6.10 9.16 -16.47
N GLY B 372 -6.88 8.89 -17.49
CA GLY B 372 -7.01 9.83 -18.59
C GLY B 372 -8.25 10.69 -18.54
N ASN B 373 -8.31 11.70 -19.42
CA ASN B 373 -9.45 12.59 -19.47
C ASN B 373 -10.71 11.80 -19.77
N GLY B 374 -11.81 12.18 -19.13
CA GLY B 374 -13.06 11.49 -19.34
C GLY B 374 -13.22 10.25 -18.48
N THR B 375 -12.24 9.99 -17.61
CA THR B 375 -12.32 8.83 -16.73
C THR B 375 -13.52 8.96 -15.82
N LYS B 376 -14.26 7.87 -15.69
CA LYS B 376 -15.44 7.80 -14.84
C LYS B 376 -15.08 7.84 -13.37
N VAL B 377 -15.74 8.71 -12.61
CA VAL B 377 -15.51 8.82 -11.18
C VAL B 377 -16.69 8.13 -10.52
N GLN B 378 -16.40 7.11 -9.73
CA GLN B 378 -17.42 6.28 -9.08
C GLN B 378 -17.07 5.99 -7.63
N ILE B 379 -17.80 5.03 -7.06
CA ILE B 379 -17.53 4.58 -5.70
C ILE B 379 -17.09 3.13 -5.83
N TYR B 380 -16.21 2.72 -4.92
CA TYR B 380 -15.70 1.36 -4.95
C TYR B 380 -15.20 1.08 -3.54
N SER B 381 -15.17 -0.20 -3.16
CA SER B 381 -14.70 -0.56 -1.83
C SER B 381 -13.33 0.08 -1.59
N CYS B 382 -13.18 0.72 -0.44
CA CYS B 382 -11.91 1.36 -0.10
C CYS B 382 -10.82 0.33 0.10
N TRP B 383 -9.66 0.52 -0.54
CA TRP B 383 -8.56 -0.41 -0.37
C TRP B 383 -7.19 0.28 -0.27
N GLY B 384 -7.16 1.60 -0.46
CA GLY B 384 -5.91 2.33 -0.35
C GLY B 384 -5.14 2.67 -1.63
N GLY B 385 -5.74 2.43 -2.78
CA GLY B 385 -5.05 2.74 -4.02
C GLY B 385 -4.93 4.24 -4.27
N ASP B 386 -3.91 4.65 -5.03
CA ASP B 386 -3.72 6.07 -5.33
C ASP B 386 -4.86 6.63 -6.18
N ASN B 387 -5.66 5.73 -6.77
CA ASN B 387 -6.79 6.16 -7.59
C ASN B 387 -8.00 6.44 -6.69
N GLN B 388 -7.82 6.26 -5.39
CA GLN B 388 -8.87 6.53 -4.41
C GLN B 388 -8.36 7.63 -3.47
N LYS B 389 -7.29 8.30 -3.89
CA LYS B 389 -6.67 9.37 -3.11
C LYS B 389 -6.89 10.70 -3.79
N TRP B 390 -7.20 11.72 -3.00
CA TRP B 390 -7.50 13.04 -3.53
C TRP B 390 -6.85 14.19 -2.76
N ARG B 391 -6.53 15.27 -3.48
CA ARG B 391 -5.95 16.45 -2.87
C ARG B 391 -6.99 17.56 -2.99
N LEU B 392 -7.33 18.17 -1.86
CA LEU B 392 -8.32 19.25 -1.84
C LEU B 392 -7.61 20.59 -1.82
N ASN B 393 -7.35 21.15 -3.00
CA ASN B 393 -6.65 22.43 -3.11
C ASN B 393 -7.44 23.60 -2.55
N SER B 394 -6.71 24.63 -2.14
CA SER B 394 -7.32 25.83 -1.58
C SER B 394 -8.14 26.59 -2.62
N ASP B 395 -7.82 26.39 -3.90
CA ASP B 395 -8.56 27.07 -4.96
C ASP B 395 -9.91 26.39 -5.19
N GLY B 396 -10.25 25.44 -4.33
CA GLY B 396 -11.52 24.73 -4.45
C GLY B 396 -11.52 23.51 -5.35
N SER B 397 -10.42 23.26 -6.05
CA SER B 397 -10.35 22.10 -6.94
C SER B 397 -9.99 20.83 -6.17
N ILE B 398 -10.42 19.69 -6.69
CA ILE B 398 -10.14 18.39 -6.08
C ILE B 398 -9.37 17.57 -7.12
N VAL B 399 -8.09 17.34 -6.86
CA VAL B 399 -7.24 16.59 -7.78
C VAL B 399 -6.98 15.16 -7.35
N GLY B 400 -7.02 14.25 -8.32
CA GLY B 400 -6.76 12.85 -8.04
C GLY B 400 -5.26 12.61 -7.96
N VAL B 401 -4.81 12.05 -6.85
CA VAL B 401 -3.39 11.79 -6.66
C VAL B 401 -2.74 10.99 -7.79
N GLN B 402 -3.38 9.90 -8.19
CA GLN B 402 -2.80 9.07 -9.24
C GLN B 402 -2.79 9.69 -10.64
N SER B 403 -3.89 10.30 -11.04
CA SER B 403 -3.98 10.89 -12.37
C SER B 403 -3.48 12.31 -12.48
N GLY B 404 -3.65 13.10 -11.43
CA GLY B 404 -3.23 14.48 -11.48
C GLY B 404 -4.32 15.30 -12.16
N LEU B 405 -5.46 14.67 -12.39
CA LEU B 405 -6.60 15.34 -13.04
C LEU B 405 -7.61 15.83 -12.00
N CYS B 406 -8.46 16.77 -12.41
CA CYS B 406 -9.47 17.36 -11.53
C CYS B 406 -10.87 16.78 -11.65
N LEU B 407 -11.62 16.82 -10.55
CA LEU B 407 -12.99 16.34 -10.56
C LEU B 407 -13.72 17.33 -11.46
N ASP B 408 -14.38 16.82 -12.49
CA ASP B 408 -15.05 17.65 -13.47
C ASP B 408 -16.49 17.26 -13.77
N ALA B 409 -17.39 18.23 -13.70
CA ALA B 409 -18.80 17.99 -14.00
C ALA B 409 -18.87 18.02 -15.54
N VAL B 410 -19.09 16.85 -16.13
CA VAL B 410 -19.14 16.71 -17.58
C VAL B 410 -19.85 17.84 -18.34
N GLY B 411 -19.23 18.27 -19.44
CA GLY B 411 -19.79 19.33 -20.27
C GLY B 411 -20.19 20.58 -19.52
N GLY B 412 -19.68 20.74 -18.31
CA GLY B 412 -20.02 21.91 -17.53
C GLY B 412 -21.47 21.86 -17.08
N GLY B 413 -22.11 20.70 -17.28
CA GLY B 413 -23.48 20.55 -16.88
C GLY B 413 -23.73 21.08 -15.48
N THR B 414 -24.97 21.44 -15.17
CA THR B 414 -25.29 21.98 -13.86
C THR B 414 -26.57 21.41 -13.29
N ALA B 415 -27.34 20.73 -14.12
CA ALA B 415 -28.60 20.14 -13.69
C ALA B 415 -28.39 18.78 -13.03
N ASN B 416 -29.40 18.32 -12.29
CA ASN B 416 -29.33 17.03 -11.63
C ASN B 416 -28.99 15.96 -12.65
N GLY B 417 -28.30 14.90 -12.21
CA GLY B 417 -27.93 13.83 -13.11
C GLY B 417 -26.63 14.05 -13.84
N THR B 418 -26.06 15.24 -13.74
CA THR B 418 -24.79 15.53 -14.39
C THR B 418 -23.75 14.58 -13.82
N LEU B 419 -23.02 13.91 -14.70
CA LEU B 419 -22.00 12.95 -14.27
C LEU B 419 -20.65 13.60 -13.98
N ILE B 420 -19.88 12.93 -13.12
CA ILE B 420 -18.57 13.42 -12.72
C ILE B 420 -17.47 12.59 -13.36
N GLN B 421 -16.47 13.26 -13.91
CA GLN B 421 -15.34 12.60 -14.56
C GLN B 421 -14.03 13.27 -14.16
N LEU B 422 -12.94 12.77 -14.72
CA LEU B 422 -11.61 13.33 -14.47
C LEU B 422 -11.24 14.07 -15.75
N TYR B 423 -10.78 15.31 -15.61
CA TYR B 423 -10.41 16.09 -16.78
C TYR B 423 -9.30 17.06 -16.44
N SER B 424 -8.54 17.46 -17.46
CA SER B 424 -7.45 18.41 -17.26
C SER B 424 -7.97 19.55 -16.42
N CYS B 425 -7.21 19.94 -15.41
CA CYS B 425 -7.62 21.03 -14.54
C CYS B 425 -7.57 22.35 -15.29
N SER B 426 -8.70 23.05 -15.30
CA SER B 426 -8.81 24.34 -15.98
C SER B 426 -9.32 25.38 -15.00
N ASN B 427 -9.51 24.95 -13.75
CA ASN B 427 -10.00 25.82 -12.70
C ASN B 427 -11.34 26.44 -13.10
N GLY B 428 -12.05 25.75 -14.00
CA GLY B 428 -13.35 26.25 -14.42
C GLY B 428 -14.28 26.19 -13.23
N SER B 429 -15.50 26.71 -13.39
CA SER B 429 -16.46 26.70 -12.30
C SER B 429 -16.98 25.29 -12.06
N ASN B 430 -16.89 24.44 -13.07
CA ASN B 430 -17.35 23.07 -12.94
C ASN B 430 -16.23 22.16 -12.42
N GLN B 431 -15.23 22.77 -11.80
CA GLN B 431 -14.10 22.04 -11.24
C GLN B 431 -13.79 22.58 -9.86
N ARG B 432 -14.59 23.53 -9.40
CA ARG B 432 -14.40 24.12 -8.08
C ARG B 432 -15.50 23.60 -7.17
N TRP B 433 -15.12 23.21 -5.97
CA TRP B 433 -16.08 22.68 -5.01
C TRP B 433 -15.87 23.29 -3.64
N THR B 434 -16.94 23.36 -2.86
CA THR B 434 -16.89 23.91 -1.52
C THR B 434 -17.49 22.91 -0.55
N ARG B 435 -16.90 22.81 0.63
CA ARG B 435 -17.39 21.88 1.64
C ARG B 435 -18.32 22.56 2.62
N THR B 436 -19.52 21.99 2.78
CA THR B 436 -20.53 22.52 3.68
C THR B 436 -20.94 21.45 4.68
C1 GAL C . -14.89 7.55 30.16
C2 GAL C . -15.33 6.70 28.96
C3 GAL C . -15.13 5.24 29.27
C4 GAL C . -13.65 5.02 29.58
C5 GAL C . -13.25 5.89 30.77
C6 GAL C . -11.79 5.77 31.12
O1 GAL C . -15.03 8.89 29.87
O2 GAL C . -16.70 6.96 28.67
O3 GAL C . -15.52 4.46 28.16
O4 GAL C . -12.86 5.34 28.45
O5 GAL C . -13.50 7.29 30.45
O6 GAL C . -11.56 4.70 32.02
C1 GAL D . -0.74 -14.63 30.93
C2 GAL D . -1.95 -14.68 30.00
C3 GAL D . -1.48 -14.43 28.57
C4 GAL D . -0.82 -13.07 28.52
C5 GAL D . 0.37 -13.06 29.48
C6 GAL D . 1.09 -11.73 29.51
O1 GAL D . -1.15 -14.79 32.25
O2 GAL D . -2.57 -15.94 30.08
O3 GAL D . -2.61 -14.45 27.70
O4 GAL D . -1.75 -12.06 28.90
O5 GAL D . -0.09 -13.33 30.83
O6 GAL D . 1.96 -11.64 30.63
C1 GAL E . -32.75 9.59 -4.24
C2 GAL E . -31.56 10.26 -3.56
C3 GAL E . -31.13 11.46 -4.38
C4 GAL E . -30.75 10.97 -5.77
C5 GAL E . -31.96 10.28 -6.40
C6 GAL E . -31.67 9.72 -7.78
O1 GAL E . -33.13 8.47 -3.52
O2 GAL E . -31.93 10.69 -2.25
O3 GAL E . -30.01 12.08 -3.77
O4 GAL E . -29.67 10.06 -5.68
O5 GAL E . -32.38 9.17 -5.57
O6 GAL E . -31.00 10.68 -8.59
C1 GAL F . -15.89 20.92 -21.48
C2 GAL F . -15.86 21.53 -20.08
C3 GAL F . -14.89 20.74 -19.22
C4 GAL F . -15.37 19.30 -19.16
C5 GAL F . -15.40 18.74 -20.58
C6 GAL F . -15.90 17.31 -20.63
O1 GAL F . -16.80 21.59 -22.27
O2 GAL F . -15.44 22.89 -20.16
O3 GAL F . -14.86 21.30 -17.91
O4 GAL F . -16.66 19.24 -18.58
O5 GAL F . -16.30 19.53 -21.40
O6 GAL F . -16.02 16.85 -21.96
#